data_1HKC
#
_entry.id   1HKC
#
_cell.length_a   175.090
_cell.length_b   175.090
_cell.length_c   99.470
_cell.angle_alpha   90.00
_cell.angle_beta   90.00
_cell.angle_gamma   120.00
#
_symmetry.space_group_name_H-M   'P 32 2 1'
#
loop_
_entity.id
_entity.type
_entity.pdbx_description
1 polymer 'D-GLUCOSE 6-PHOSPHOTRANSFERASE'
2 non-polymer beta-D-glucopyranose
3 non-polymer 'PHOSPHATE ION'
4 non-polymer 'POTASSIUM ION'
5 water water
#
_entity_poly.entity_id   1
_entity_poly.type   'polypeptide(L)'
_entity_poly.pdbx_seq_one_letter_code
;MIAAQLLAYYFTELKDDQVKKIDKYLYAMRLSDETLIDIMTRFRKEMKNGLSRDFNPTATVKMLPTFVRSIPDGSEKGDF
IALDLGGSSFRILRVQVNHEKNQNVHMESEVYDTPENIVHGSGSQLFDHVAECLGDFMEKRKIKDKKLPVGFTFSFPCQQ
SKIDEAILITWTKRFKASGVEGADVVKLLNKAIKKRGDYDANIVAVVNDTVGTMMTCGYDDQHCEVGLIIGTGTNACYME
ELRHIDLVEGDEGRMCINTEWGAFGDDGSLEDIRTEFDREIDRGSLNPGKQLFEKMVSGMYLGELVRLILVKMAKEGLLF
EGRITPELLTRGKFNTSDVSAIEKNKEGLHNAKEILTRLGVEPSDDDCVSVQHVCTIVSFRSANLVAATLGAILNRLRDN
KGTPRLRTTVGVDGSLYKTHPQYSRRFHKTLRRLVPDSDVRFLLSESGSGKGAAMVTAVAYRLAEQHRQIEETLAHFHLT
KDMLLEVKKRMRAEMELGLRKQTHNNAVVKMLPSFVRRTPDGTENGDFLALDLGGTNFRVLLVKIRSGKKRTVEMHNKIY
AIPIEIMQGTGEELFDHIVSCISDFLDYMGIKGPRMPLGFTFSFPCQQTSLDAGILITWTKGFKATDCVGHDVVTLLRDA
IKRREEFDLDVVAVVNDTVGTMMTCAYEEPTCEVGLIVGTGSNACYMEEMKNVEMVEGDQGQMCINMEWGAFGDNGCLDD
IRTHYDRLVNEYSLNAGKQRYEKMISGMYLGEIVRNILIDFTKKGFLFRGQISETLKTRGIFETKFLSQIESDRLALLQV
RAILQQLGLNSTCDDSILVKTVCGVVSRRAAQLCGAGMAAVVDKIRENRGLDRLNVTVGVDGTLYKLHPHFSRIMHQTVK
ELSPKCNVSFLLSEDGSGKGAALITAVGVRLRTEASS
;
_entity_poly.pdbx_strand_id   A
#
# COMPACT_ATOMS: atom_id res chain seq x y z
N ASP A 16 67.25 8.69 -0.49
CA ASP A 16 66.39 9.65 0.26
C ASP A 16 66.27 10.96 -0.51
N ASP A 17 67.40 11.54 -0.86
CA ASP A 17 67.43 12.78 -1.62
C ASP A 17 66.37 12.69 -2.72
N GLN A 18 66.35 11.56 -3.42
CA GLN A 18 65.39 11.36 -4.50
C GLN A 18 63.96 11.47 -3.97
N VAL A 19 63.66 10.70 -2.94
CA VAL A 19 62.32 10.70 -2.36
C VAL A 19 61.92 12.11 -1.98
N LYS A 20 62.84 12.84 -1.38
CA LYS A 20 62.57 14.21 -0.96
C LYS A 20 62.30 15.11 -2.16
N LYS A 21 62.95 14.83 -3.27
CA LYS A 21 62.77 15.63 -4.48
C LYS A 21 61.41 15.41 -5.11
N ILE A 22 60.81 14.25 -4.84
CA ILE A 22 59.48 13.93 -5.36
C ILE A 22 58.41 14.53 -4.46
N ASP A 23 58.62 14.42 -3.15
CA ASP A 23 57.69 14.96 -2.17
C ASP A 23 57.36 16.42 -2.44
N LYS A 24 58.37 17.21 -2.79
CA LYS A 24 58.16 18.63 -3.08
C LYS A 24 57.50 18.82 -4.43
N TYR A 25 57.91 18.00 -5.40
CA TYR A 25 57.37 18.07 -6.75
C TYR A 25 55.88 17.74 -6.72
N LEU A 26 55.52 16.75 -5.92
CA LEU A 26 54.13 16.34 -5.81
C LEU A 26 53.51 16.78 -4.50
N TYR A 27 54.00 17.90 -3.96
CA TYR A 27 53.49 18.37 -2.68
C TYR A 27 51.97 18.48 -2.65
N ALA A 28 51.39 18.87 -3.77
CA ALA A 28 49.95 19.05 -3.85
C ALA A 28 49.14 17.76 -3.76
N MET A 29 49.82 16.61 -3.83
CA MET A 29 49.13 15.34 -3.73
C MET A 29 49.26 14.76 -2.32
N ARG A 30 49.91 15.52 -1.45
CA ARG A 30 50.09 15.12 -0.06
C ARG A 30 49.15 15.93 0.83
N LEU A 31 47.97 15.37 1.08
CA LEU A 31 46.96 16.03 1.89
C LEU A 31 47.23 15.96 3.40
N SER A 32 47.02 17.08 4.08
CA SER A 32 47.22 17.16 5.51
C SER A 32 45.95 16.74 6.20
N ASP A 33 46.05 16.35 7.47
CA ASP A 33 44.85 15.94 8.21
C ASP A 33 43.91 17.13 8.24
N GLU A 34 44.49 18.33 8.34
CA GLU A 34 43.68 19.54 8.37
C GLU A 34 42.82 19.51 7.10
N THR A 35 43.47 19.20 5.98
CA THR A 35 42.79 19.13 4.70
C THR A 35 41.75 18.02 4.63
N LEU A 36 42.12 16.84 5.08
CA LEU A 36 41.21 15.69 5.06
C LEU A 36 39.94 15.97 5.87
N ILE A 37 40.09 16.49 7.08
CA ILE A 37 38.93 16.79 7.91
C ILE A 37 38.03 17.78 7.19
N ASP A 38 38.64 18.75 6.52
CA ASP A 38 37.88 19.73 5.77
C ASP A 38 37.06 18.97 4.72
N ILE A 39 37.71 18.13 3.95
CA ILE A 39 37.02 17.36 2.94
C ILE A 39 35.93 16.51 3.58
N MET A 40 36.21 15.95 4.75
CA MET A 40 35.23 15.14 5.45
C MET A 40 33.99 15.98 5.70
N THR A 41 34.23 17.22 6.10
CA THR A 41 33.16 18.16 6.39
C THR A 41 32.39 18.57 5.12
N ARG A 42 33.09 18.76 4.01
CA ARG A 42 32.45 19.14 2.75
C ARG A 42 31.49 18.05 2.31
N PHE A 43 31.91 16.81 2.48
CA PHE A 43 31.07 15.69 2.08
C PHE A 43 29.82 15.59 2.96
N ARG A 44 29.99 15.85 4.25
CA ARG A 44 28.87 15.78 5.17
C ARG A 44 27.79 16.71 4.67
N LYS A 45 28.20 17.86 4.15
CA LYS A 45 27.27 18.85 3.63
C LYS A 45 26.64 18.37 2.33
N GLU A 46 27.41 17.66 1.52
CA GLU A 46 26.90 17.14 0.26
C GLU A 46 25.87 16.06 0.55
N MET A 47 26.04 15.38 1.69
CA MET A 47 25.11 14.32 2.08
C MET A 47 23.77 14.91 2.52
N LYS A 48 23.85 15.99 3.28
CA LYS A 48 22.65 16.66 3.74
C LYS A 48 21.86 17.17 2.53
N ASN A 49 22.52 17.91 1.64
CA ASN A 49 21.85 18.45 0.47
C ASN A 49 21.17 17.40 -0.39
N GLY A 50 21.85 16.29 -0.64
CA GLY A 50 21.26 15.25 -1.47
C GLY A 50 20.01 14.62 -0.86
N LEU A 51 19.98 14.56 0.47
CA LEU A 51 18.84 13.96 1.18
C LEU A 51 17.67 14.93 1.25
N SER A 52 17.99 16.21 1.43
CA SER A 52 16.99 17.27 1.52
C SER A 52 16.25 17.46 0.22
N ARG A 53 14.93 17.62 0.31
CA ARG A 53 14.11 17.81 -0.88
C ARG A 53 14.28 19.18 -1.50
N ASP A 54 14.87 20.10 -0.75
CA ASP A 54 15.07 21.44 -1.25
C ASP A 54 16.30 21.55 -2.15
N PHE A 55 17.38 20.88 -1.76
CA PHE A 55 18.60 20.94 -2.55
C PHE A 55 18.87 19.73 -3.42
N ASN A 56 18.09 18.68 -3.23
CA ASN A 56 18.29 17.48 -4.01
C ASN A 56 18.36 17.76 -5.51
N PRO A 57 17.44 18.59 -6.03
CA PRO A 57 17.39 18.93 -7.47
C PRO A 57 18.74 19.26 -8.12
N THR A 58 19.60 19.96 -7.40
CA THR A 58 20.89 20.36 -7.94
C THR A 58 22.09 19.84 -7.15
N ALA A 59 21.92 18.72 -6.47
CA ALA A 59 23.00 18.15 -5.68
C ALA A 59 23.82 17.15 -6.48
N THR A 60 25.15 17.19 -6.30
CA THR A 60 26.04 16.28 -7.03
C THR A 60 26.16 14.91 -6.38
N VAL A 61 25.93 14.83 -5.07
CA VAL A 61 25.95 13.53 -4.38
C VAL A 61 24.45 13.17 -4.30
N LYS A 62 24.01 12.36 -5.26
CA LYS A 62 22.62 11.97 -5.39
C LYS A 62 21.92 11.31 -4.20
N MET A 63 22.66 10.59 -3.36
CA MET A 63 22.06 9.93 -2.19
C MET A 63 20.76 9.22 -2.56
N LEU A 64 20.85 8.30 -3.52
CA LEU A 64 19.69 7.57 -4.01
C LEU A 64 19.17 6.47 -3.10
N PRO A 65 17.83 6.37 -2.97
CA PRO A 65 17.18 5.35 -2.14
C PRO A 65 17.24 4.02 -2.87
N THR A 66 17.63 2.96 -2.18
CA THR A 66 17.76 1.64 -2.78
C THR A 66 16.55 0.75 -2.58
N PHE A 67 15.70 1.18 -1.67
CA PHE A 67 14.51 0.44 -1.33
C PHE A 67 14.85 -0.90 -0.72
N VAL A 68 15.92 -0.88 0.07
CA VAL A 68 16.37 -2.04 0.84
C VAL A 68 16.32 -1.54 2.29
N ARG A 69 15.36 -2.06 3.05
CA ARG A 69 15.16 -1.63 4.42
C ARG A 69 15.81 -2.41 5.55
N SER A 70 16.50 -3.50 5.23
CA SER A 70 17.16 -4.31 6.26
C SER A 70 18.11 -5.35 5.68
N ILE A 71 19.05 -5.80 6.50
CA ILE A 71 20.01 -6.81 6.08
C ILE A 71 19.44 -8.20 6.36
N PRO A 72 19.99 -9.25 5.72
CA PRO A 72 19.50 -10.62 5.93
C PRO A 72 19.24 -10.95 7.39
N ASP A 73 18.03 -11.45 7.67
CA ASP A 73 17.67 -11.82 9.04
C ASP A 73 17.85 -13.32 9.25
N GLY A 74 18.47 -13.98 8.28
CA GLY A 74 18.70 -15.40 8.38
C GLY A 74 17.58 -16.23 7.78
N SER A 75 16.34 -15.82 8.02
CA SER A 75 15.17 -16.53 7.50
C SER A 75 15.21 -16.69 6.00
N GLU A 76 16.27 -16.19 5.38
CA GLU A 76 16.41 -16.26 3.93
C GLU A 76 16.73 -17.67 3.46
N LYS A 77 15.95 -18.15 2.49
CA LYS A 77 16.11 -19.48 1.93
C LYS A 77 15.57 -19.52 0.51
N GLY A 78 16.27 -20.26 -0.36
CA GLY A 78 15.84 -20.39 -1.74
C GLY A 78 16.97 -20.76 -2.69
N ASP A 79 16.67 -20.70 -3.97
CA ASP A 79 17.63 -21.02 -5.03
C ASP A 79 17.37 -20.01 -6.16
N PHE A 80 18.37 -19.16 -6.44
CA PHE A 80 18.26 -18.13 -7.49
C PHE A 80 19.55 -17.86 -8.23
N ILE A 81 19.43 -17.08 -9.30
CA ILE A 81 20.57 -16.68 -10.12
C ILE A 81 20.94 -15.25 -9.78
N ALA A 82 22.11 -14.82 -10.23
CA ALA A 82 22.55 -13.47 -9.95
C ALA A 82 23.48 -12.98 -11.05
N LEU A 83 23.20 -11.79 -11.57
CA LEU A 83 24.02 -11.20 -12.60
C LEU A 83 24.82 -10.08 -11.97
N ASP A 84 26.03 -9.86 -12.44
CA ASP A 84 26.86 -8.79 -11.90
C ASP A 84 27.57 -8.10 -13.04
N LEU A 85 27.04 -6.94 -13.44
CA LEU A 85 27.59 -6.18 -14.56
C LEU A 85 27.93 -4.74 -14.20
N GLY A 86 29.11 -4.29 -14.65
CA GLY A 86 29.51 -2.92 -14.37
C GLY A 86 30.83 -2.76 -13.64
N GLY A 87 31.38 -3.88 -13.16
CA GLY A 87 32.64 -3.83 -12.44
C GLY A 87 33.80 -4.26 -13.31
N SER A 88 34.84 -4.81 -12.69
CA SER A 88 36.01 -5.27 -13.43
C SER A 88 35.63 -6.35 -14.43
N SER A 89 34.76 -7.27 -14.01
CA SER A 89 34.33 -8.35 -14.90
C SER A 89 32.85 -8.73 -14.74
N PHE A 90 32.25 -9.19 -15.82
CA PHE A 90 30.85 -9.59 -15.85
C PHE A 90 30.74 -11.08 -15.52
N ARG A 91 30.23 -11.37 -14.33
CA ARG A 91 30.09 -12.76 -13.92
C ARG A 91 28.63 -13.11 -13.66
N ILE A 92 28.33 -14.40 -13.67
CA ILE A 92 26.97 -14.86 -13.40
C ILE A 92 27.03 -15.94 -12.33
N LEU A 93 26.29 -15.72 -11.24
CA LEU A 93 26.28 -16.66 -10.14
C LEU A 93 24.93 -17.32 -9.90
N ARG A 94 25.01 -18.53 -9.37
CA ARG A 94 23.82 -19.27 -9.00
C ARG A 94 24.02 -19.51 -7.51
N VAL A 95 23.34 -18.70 -6.70
CA VAL A 95 23.45 -18.81 -5.25
C VAL A 95 22.32 -19.66 -4.70
N GLN A 96 22.64 -20.44 -3.67
CA GLN A 96 21.66 -21.30 -3.05
C GLN A 96 21.72 -21.18 -1.54
N VAL A 97 20.77 -20.42 -0.98
CA VAL A 97 20.69 -20.21 0.46
C VAL A 97 19.58 -21.12 1.00
N ASN A 98 19.95 -22.16 1.73
CA ASN A 98 18.97 -23.10 2.26
C ASN A 98 19.04 -23.24 3.78
N HIS A 99 18.16 -24.11 4.30
CA HIS A 99 18.09 -24.34 5.74
C HIS A 99 19.06 -25.45 6.19
N GLU A 100 19.90 -25.12 7.16
CA GLU A 100 20.87 -26.06 7.70
C GLU A 100 21.09 -25.84 9.19
N LYS A 101 21.84 -26.76 9.81
CA LYS A 101 22.13 -26.67 11.24
C LYS A 101 23.48 -25.99 11.48
N ASN A 102 23.53 -24.69 11.18
CA ASN A 102 24.74 -23.89 11.35
C ASN A 102 25.81 -24.16 10.30
N GLN A 103 25.39 -24.53 9.10
CA GLN A 103 26.34 -24.79 8.03
C GLN A 103 26.15 -23.79 6.88
N ASN A 104 27.24 -23.50 6.19
CA ASN A 104 27.29 -22.51 5.10
C ASN A 104 26.27 -22.63 3.97
N VAL A 105 26.40 -21.69 3.02
CA VAL A 105 25.55 -21.58 1.83
C VAL A 105 26.39 -21.88 0.57
N HIS A 106 25.78 -22.54 -0.40
CA HIS A 106 26.46 -22.89 -1.64
C HIS A 106 26.19 -21.92 -2.79
N MET A 107 27.20 -21.74 -3.65
CA MET A 107 27.08 -20.86 -4.80
C MET A 107 28.25 -21.04 -5.77
N GLU A 108 27.98 -20.83 -7.05
CA GLU A 108 28.99 -20.96 -8.09
C GLU A 108 28.84 -19.79 -9.05
N SER A 109 29.94 -19.35 -9.65
CA SER A 109 29.90 -18.23 -10.57
C SER A 109 30.70 -18.49 -11.85
N GLU A 110 30.42 -17.69 -12.87
CA GLU A 110 31.12 -17.81 -14.15
C GLU A 110 31.27 -16.44 -14.79
N VAL A 111 32.49 -16.13 -15.20
CA VAL A 111 32.81 -14.85 -15.83
C VAL A 111 32.73 -14.93 -17.35
N TYR A 112 31.98 -14.01 -17.94
CA TYR A 112 31.82 -13.96 -19.39
C TYR A 112 32.56 -12.75 -19.95
N ASP A 113 33.40 -12.98 -20.95
CA ASP A 113 34.15 -11.90 -21.57
C ASP A 113 33.22 -10.93 -22.26
N THR A 114 33.40 -9.64 -22.00
CA THR A 114 32.56 -8.62 -22.61
C THR A 114 33.45 -7.63 -23.35
N PRO A 115 33.57 -7.80 -24.67
CA PRO A 115 34.37 -6.94 -25.54
C PRO A 115 34.25 -5.46 -25.24
N GLU A 116 35.40 -4.77 -25.16
CA GLU A 116 35.40 -3.35 -24.87
C GLU A 116 34.56 -2.60 -25.89
N ASN A 117 34.40 -3.18 -27.08
CA ASN A 117 33.60 -2.55 -28.13
C ASN A 117 32.14 -2.94 -28.00
N ILE A 118 31.79 -3.54 -26.87
CA ILE A 118 30.41 -3.96 -26.59
C ILE A 118 29.80 -3.03 -25.54
N VAL A 119 30.65 -2.50 -24.66
CA VAL A 119 30.19 -1.59 -23.61
C VAL A 119 30.19 -0.16 -24.12
N HIS A 120 30.53 0.02 -25.40
CA HIS A 120 30.54 1.34 -26.03
C HIS A 120 29.59 1.30 -27.22
N GLY A 121 28.86 0.20 -27.35
CA GLY A 121 27.92 0.04 -28.43
C GLY A 121 26.51 0.50 -28.09
N SER A 122 25.52 -0.21 -28.62
CA SER A 122 24.13 0.12 -28.39
C SER A 122 23.57 -0.64 -27.19
N GLY A 123 22.61 -0.03 -26.51
CA GLY A 123 22.01 -0.68 -25.37
C GLY A 123 21.52 -2.05 -25.81
N SER A 124 20.93 -2.10 -26.99
CA SER A 124 20.39 -3.33 -27.56
C SER A 124 21.41 -4.48 -27.59
N GLN A 125 22.54 -4.24 -28.26
CA GLN A 125 23.58 -5.26 -28.33
C GLN A 125 24.02 -5.68 -26.93
N LEU A 126 24.21 -4.71 -26.04
CA LEU A 126 24.66 -4.99 -24.68
C LEU A 126 23.74 -5.91 -23.89
N PHE A 127 22.43 -5.64 -23.94
CA PHE A 127 21.49 -6.44 -23.19
C PHE A 127 21.23 -7.78 -23.85
N ASP A 128 21.47 -7.84 -25.16
CA ASP A 128 21.30 -9.08 -25.89
C ASP A 128 22.50 -9.98 -25.55
N HIS A 129 23.63 -9.33 -25.28
CA HIS A 129 24.87 -10.00 -24.91
C HIS A 129 24.67 -10.60 -23.53
N VAL A 130 24.12 -9.78 -22.64
CA VAL A 130 23.86 -10.21 -21.27
C VAL A 130 22.86 -11.35 -21.29
N ALA A 131 21.86 -11.25 -22.17
CA ALA A 131 20.85 -12.28 -22.30
C ALA A 131 21.50 -13.55 -22.83
N GLU A 132 22.27 -13.38 -23.90
CA GLU A 132 22.99 -14.49 -24.54
C GLU A 132 23.86 -15.24 -23.54
N CYS A 133 24.49 -14.49 -22.65
CA CYS A 133 25.36 -15.08 -21.64
C CYS A 133 24.53 -15.77 -20.56
N LEU A 134 23.36 -15.23 -20.27
CA LEU A 134 22.47 -15.79 -19.25
C LEU A 134 21.99 -17.18 -19.66
N GLY A 135 21.28 -17.24 -20.79
CA GLY A 135 20.77 -18.51 -21.27
C GLY A 135 21.81 -19.61 -21.31
N ASP A 136 23.00 -19.27 -21.77
CA ASP A 136 24.10 -20.24 -21.85
C ASP A 136 24.41 -20.78 -20.45
N PHE A 137 24.56 -19.87 -19.50
CA PHE A 137 24.86 -20.23 -18.12
C PHE A 137 23.84 -21.23 -17.56
N MET A 138 22.56 -20.95 -17.75
CA MET A 138 21.50 -21.81 -17.25
C MET A 138 21.45 -23.13 -18.01
N GLU A 139 21.64 -23.05 -19.32
CA GLU A 139 21.62 -24.24 -20.16
C GLU A 139 22.79 -25.16 -19.81
N LYS A 140 23.99 -24.59 -19.74
CA LYS A 140 25.17 -25.38 -19.40
C LYS A 140 24.96 -26.04 -18.04
N ARG A 141 23.97 -25.55 -17.31
CA ARG A 141 23.61 -26.09 -16.00
C ARG A 141 22.21 -26.69 -16.11
N LYS A 142 21.67 -26.65 -17.32
CA LYS A 142 20.34 -27.17 -17.61
C LYS A 142 19.25 -26.85 -16.59
N ILE A 143 19.37 -25.70 -15.93
CA ILE A 143 18.37 -25.28 -14.95
C ILE A 143 17.45 -24.28 -15.62
N LYS A 144 17.51 -24.26 -16.94
CA LYS A 144 16.71 -23.37 -17.78
C LYS A 144 15.21 -23.68 -17.74
N ASP A 145 14.86 -24.81 -17.13
CA ASP A 145 13.46 -25.21 -17.02
C ASP A 145 12.79 -24.59 -15.79
N LYS A 146 13.43 -24.73 -14.64
CA LYS A 146 12.88 -24.16 -13.41
C LYS A 146 13.17 -22.67 -13.41
N LYS A 147 12.15 -21.86 -13.70
CA LYS A 147 12.30 -20.41 -13.74
C LYS A 147 12.74 -19.89 -12.38
N LEU A 148 14.05 -19.87 -12.16
CA LEU A 148 14.62 -19.39 -10.90
C LEU A 148 14.55 -17.87 -10.82
N PRO A 149 14.35 -17.33 -9.61
CA PRO A 149 14.29 -15.87 -9.50
C PRO A 149 15.65 -15.34 -9.92
N VAL A 150 15.67 -14.17 -10.52
CA VAL A 150 16.93 -13.61 -10.96
C VAL A 150 17.23 -12.27 -10.29
N GLY A 151 18.43 -12.17 -9.75
CA GLY A 151 18.88 -10.95 -9.11
C GLY A 151 19.84 -10.28 -10.07
N PHE A 152 19.88 -8.95 -10.04
CA PHE A 152 20.74 -8.20 -10.93
C PHE A 152 21.52 -7.10 -10.22
N THR A 153 22.84 -7.24 -10.19
CA THR A 153 23.71 -6.23 -9.58
C THR A 153 24.25 -5.40 -10.74
N PHE A 154 23.81 -4.14 -10.77
CA PHE A 154 24.14 -3.18 -11.80
C PHE A 154 24.80 -1.99 -11.07
N SER A 155 26.11 -1.82 -11.25
CA SER A 155 26.85 -0.74 -10.58
C SER A 155 26.91 0.60 -11.32
N PHE A 156 25.81 1.34 -11.29
CA PHE A 156 25.70 2.64 -11.91
C PHE A 156 24.57 3.38 -11.20
N PRO A 157 24.58 4.72 -11.21
CA PRO A 157 23.51 5.45 -10.53
C PRO A 157 22.17 5.21 -11.22
N CYS A 158 21.25 4.59 -10.50
CA CYS A 158 19.92 4.27 -11.03
C CYS A 158 18.81 4.91 -10.21
N GLN A 159 17.75 5.31 -10.88
CA GLN A 159 16.60 5.89 -10.23
C GLN A 159 15.62 4.76 -10.13
N GLN A 160 15.07 4.52 -8.95
CA GLN A 160 14.11 3.46 -8.75
C GLN A 160 13.13 3.79 -7.64
N SER A 161 11.87 3.42 -7.85
CA SER A 161 10.83 3.65 -6.85
C SER A 161 10.37 2.30 -6.31
N LYS A 162 11.06 1.24 -6.69
CA LYS A 162 10.76 -0.11 -6.25
C LYS A 162 11.92 -1.02 -6.64
N ILE A 163 12.18 -2.04 -5.83
CA ILE A 163 13.28 -2.97 -6.06
C ILE A 163 13.46 -3.53 -7.47
N ASP A 164 12.37 -3.77 -8.20
CA ASP A 164 12.49 -4.35 -9.53
C ASP A 164 12.39 -3.37 -10.68
N GLU A 165 12.87 -2.16 -10.46
CA GLU A 165 12.87 -1.11 -11.46
C GLU A 165 14.21 -0.39 -11.31
N ALA A 166 14.83 0.00 -12.41
CA ALA A 166 16.12 0.68 -12.33
C ALA A 166 16.37 1.57 -13.54
N ILE A 167 16.04 2.85 -13.40
CA ILE A 167 16.22 3.80 -14.47
C ILE A 167 17.64 4.37 -14.40
N LEU A 168 18.47 4.02 -15.38
CA LEU A 168 19.85 4.47 -15.43
C LEU A 168 19.95 5.99 -15.47
N ILE A 169 20.54 6.59 -14.43
CA ILE A 169 20.69 8.03 -14.43
C ILE A 169 21.72 8.34 -15.50
N THR A 170 22.92 7.77 -15.36
CA THR A 170 24.00 7.95 -16.34
C THR A 170 25.00 6.82 -16.21
N TRP A 171 25.92 6.76 -17.18
CA TRP A 171 26.96 5.74 -17.19
C TRP A 171 28.16 6.29 -16.43
N THR A 172 29.01 5.37 -15.95
CA THR A 172 30.22 5.74 -15.22
C THR A 172 31.26 4.68 -15.54
N LYS A 173 32.48 4.86 -15.05
CA LYS A 173 33.54 3.91 -15.32
C LYS A 173 33.80 3.73 -16.82
N ARG A 174 33.74 2.51 -17.34
CA ARG A 174 34.01 2.35 -18.77
C ARG A 174 32.85 2.00 -19.69
N PHE A 175 31.62 2.13 -19.20
CA PHE A 175 30.48 1.84 -20.04
C PHE A 175 30.01 3.11 -20.73
N LYS A 176 29.44 2.94 -21.91
CA LYS A 176 28.97 4.06 -22.71
C LYS A 176 28.06 3.53 -23.82
N ALA A 177 27.18 2.60 -23.47
CA ALA A 177 26.26 2.02 -24.44
C ALA A 177 25.10 2.99 -24.60
N SER A 178 24.79 3.35 -25.84
CA SER A 178 23.71 4.30 -26.11
C SER A 178 22.33 3.68 -26.00
N GLY A 179 21.33 4.55 -25.87
CA GLY A 179 19.95 4.11 -25.78
C GLY A 179 19.55 3.48 -24.46
N VAL A 180 20.38 3.61 -23.43
CA VAL A 180 20.08 3.03 -22.13
C VAL A 180 19.83 4.10 -21.08
N GLU A 181 20.69 5.13 -21.05
CA GLU A 181 20.52 6.19 -20.07
C GLU A 181 19.07 6.68 -20.12
N GLY A 182 18.50 6.94 -18.95
CA GLY A 182 17.14 7.42 -18.91
C GLY A 182 16.09 6.35 -19.11
N ALA A 183 16.52 5.12 -19.35
CA ALA A 183 15.58 4.02 -19.55
C ALA A 183 15.64 3.01 -18.39
N ASP A 184 14.68 2.09 -18.38
CA ASP A 184 14.64 1.08 -17.33
C ASP A 184 15.36 -0.17 -17.82
N VAL A 185 16.56 -0.38 -17.30
CA VAL A 185 17.37 -1.53 -17.70
C VAL A 185 16.64 -2.85 -17.53
N VAL A 186 15.75 -2.93 -16.54
CA VAL A 186 15.01 -4.18 -16.35
C VAL A 186 14.14 -4.48 -17.56
N LYS A 187 13.41 -3.47 -18.03
CA LYS A 187 12.56 -3.64 -19.21
C LYS A 187 13.45 -3.96 -20.40
N LEU A 188 14.57 -3.24 -20.48
CA LEU A 188 15.53 -3.40 -21.57
C LEU A 188 16.10 -4.81 -21.60
N LEU A 189 16.28 -5.40 -20.42
CA LEU A 189 16.81 -6.75 -20.30
C LEU A 189 15.69 -7.73 -20.64
N ASN A 190 14.53 -7.54 -20.02
CA ASN A 190 13.39 -8.40 -20.28
C ASN A 190 13.12 -8.36 -21.78
N LYS A 191 13.43 -7.23 -22.39
CA LYS A 191 13.24 -7.04 -23.84
C LYS A 191 14.15 -7.97 -24.62
N ALA A 192 15.41 -8.05 -24.18
CA ALA A 192 16.41 -8.88 -24.84
C ALA A 192 16.17 -10.37 -24.60
N ILE A 193 15.75 -10.71 -23.39
CA ILE A 193 15.48 -12.11 -23.04
C ILE A 193 14.31 -12.62 -23.88
N LYS A 194 13.41 -11.71 -24.24
CA LYS A 194 12.26 -12.06 -25.05
C LYS A 194 12.69 -12.27 -26.50
N LYS A 195 13.36 -11.26 -27.07
CA LYS A 195 13.82 -11.34 -28.45
C LYS A 195 14.32 -12.73 -28.80
N ARG A 196 15.04 -13.35 -27.86
CA ARG A 196 15.57 -14.69 -28.10
C ARG A 196 14.53 -15.73 -27.73
N GLY A 197 13.84 -15.52 -26.62
CA GLY A 197 12.82 -16.45 -26.19
C GLY A 197 13.36 -17.85 -25.95
N ASP A 198 14.69 -17.95 -25.88
CA ASP A 198 15.31 -19.24 -25.63
C ASP A 198 14.85 -19.73 -24.27
N TYR A 199 14.72 -18.80 -23.32
CA TYR A 199 14.28 -19.14 -21.97
C TYR A 199 13.31 -18.14 -21.37
N ASP A 200 13.15 -18.21 -20.05
CA ASP A 200 12.27 -17.32 -19.30
C ASP A 200 12.97 -16.92 -18.00
N ALA A 201 13.24 -15.63 -17.84
CA ALA A 201 13.91 -15.11 -16.66
C ALA A 201 13.00 -14.25 -15.79
N ASN A 202 13.27 -14.29 -14.48
CA ASN A 202 12.49 -13.57 -13.49
C ASN A 202 13.33 -12.53 -12.73
N ILE A 203 13.57 -11.38 -13.36
CA ILE A 203 14.35 -10.31 -12.72
C ILE A 203 13.51 -9.70 -11.59
N VAL A 204 13.66 -10.26 -10.39
CA VAL A 204 12.89 -9.80 -9.25
C VAL A 204 13.44 -8.56 -8.58
N ALA A 205 14.75 -8.34 -8.72
CA ALA A 205 15.38 -7.19 -8.10
C ALA A 205 16.61 -6.70 -8.84
N VAL A 206 16.93 -5.42 -8.63
CA VAL A 206 18.10 -4.79 -9.21
C VAL A 206 18.75 -4.04 -8.06
N VAL A 207 20.03 -4.31 -7.80
CA VAL A 207 20.71 -3.66 -6.70
C VAL A 207 22.09 -3.15 -7.08
N ASN A 208 22.56 -2.12 -6.39
CA ASN A 208 23.88 -1.59 -6.66
C ASN A 208 24.90 -2.52 -6.00
N ASP A 209 26.15 -2.50 -6.46
CA ASP A 209 27.15 -3.37 -5.89
C ASP A 209 27.47 -3.04 -4.43
N THR A 210 27.35 -1.77 -4.07
CA THR A 210 27.60 -1.39 -2.69
C THR A 210 26.53 -2.05 -1.83
N VAL A 211 25.30 -2.07 -2.33
CA VAL A 211 24.19 -2.68 -1.60
C VAL A 211 24.44 -4.17 -1.45
N GLY A 212 24.84 -4.81 -2.53
CA GLY A 212 25.13 -6.23 -2.49
C GLY A 212 26.18 -6.55 -1.44
N THR A 213 27.24 -5.74 -1.40
CA THR A 213 28.33 -5.96 -0.45
C THR A 213 27.83 -5.84 0.99
N MET A 214 27.05 -4.79 1.26
CA MET A 214 26.51 -4.59 2.60
C MET A 214 25.61 -5.77 2.98
N MET A 215 24.84 -6.26 2.01
CA MET A 215 23.95 -7.39 2.28
C MET A 215 24.77 -8.65 2.53
N THR A 216 25.66 -8.96 1.60
CA THR A 216 26.51 -10.14 1.69
C THR A 216 27.25 -10.24 3.02
N CYS A 217 27.60 -9.09 3.60
CA CYS A 217 28.34 -9.10 4.84
C CYS A 217 27.45 -8.96 6.07
N GLY A 218 26.28 -8.37 5.90
CA GLY A 218 25.35 -8.22 7.01
C GLY A 218 24.77 -9.57 7.35
N TYR A 219 24.79 -10.46 6.37
CA TYR A 219 24.30 -11.81 6.55
C TYR A 219 25.14 -12.50 7.64
N ASP A 220 26.46 -12.28 7.59
CA ASP A 220 27.41 -12.86 8.55
C ASP A 220 27.60 -11.95 9.75
N ASP A 221 27.08 -10.73 9.67
CA ASP A 221 27.22 -9.79 10.77
C ASP A 221 26.04 -8.82 10.79
N GLN A 222 25.15 -9.02 11.75
CA GLN A 222 23.96 -8.20 11.86
C GLN A 222 24.28 -6.76 12.22
N HIS A 223 25.56 -6.43 12.30
CA HIS A 223 25.97 -5.07 12.65
C HIS A 223 26.30 -4.23 11.41
N CYS A 224 26.15 -4.83 10.23
CA CYS A 224 26.46 -4.12 9.00
C CYS A 224 25.45 -3.02 8.65
N GLU A 225 25.97 -1.83 8.37
CA GLU A 225 25.14 -0.68 8.00
C GLU A 225 25.78 0.11 6.87
N VAL A 226 26.92 -0.37 6.38
CA VAL A 226 27.64 0.30 5.31
C VAL A 226 28.30 -0.66 4.31
N GLY A 227 28.16 -0.33 3.03
CA GLY A 227 28.78 -1.12 1.98
C GLY A 227 29.76 -0.20 1.29
N LEU A 228 31.02 -0.64 1.18
CA LEU A 228 32.04 0.19 0.56
C LEU A 228 32.73 -0.49 -0.60
N ILE A 229 32.72 0.16 -1.76
CA ILE A 229 33.39 -0.39 -2.93
C ILE A 229 34.60 0.46 -3.32
N ILE A 230 35.74 -0.19 -3.51
CA ILE A 230 36.97 0.48 -3.93
C ILE A 230 37.66 -0.39 -4.97
N GLY A 231 37.27 -0.24 -6.22
CA GLY A 231 37.86 -1.04 -7.27
C GLY A 231 37.94 -0.20 -8.53
N THR A 232 37.43 -0.73 -9.64
CA THR A 232 37.43 0.01 -10.89
C THR A 232 36.86 1.39 -10.56
N GLY A 233 35.70 1.39 -9.91
CA GLY A 233 35.08 2.64 -9.49
C GLY A 233 35.07 2.65 -7.97
N THR A 234 34.49 3.69 -7.38
CA THR A 234 34.41 3.76 -5.91
C THR A 234 33.04 4.33 -5.54
N ASN A 235 32.46 3.80 -4.47
CA ASN A 235 31.12 4.20 -4.04
C ASN A 235 30.84 3.64 -2.64
N ALA A 236 29.89 4.24 -1.93
CA ALA A 236 29.55 3.78 -0.59
C ALA A 236 28.06 3.95 -0.36
N CYS A 237 27.47 2.96 0.30
CA CYS A 237 26.05 3.01 0.63
C CYS A 237 25.96 2.77 2.13
N TYR A 238 24.92 3.31 2.76
CA TYR A 238 24.77 3.12 4.19
C TYR A 238 23.29 3.05 4.56
N MET A 239 23.02 2.79 5.84
CA MET A 239 21.65 2.69 6.32
C MET A 239 21.25 4.00 7.00
N GLU A 240 20.33 4.71 6.36
CA GLU A 240 19.87 6.01 6.81
C GLU A 240 18.45 5.97 7.32
N GLU A 241 18.11 6.89 8.23
CA GLU A 241 16.78 6.97 8.84
C GLU A 241 15.73 7.48 7.86
N LEU A 242 14.67 6.72 7.69
CA LEU A 242 13.60 7.12 6.79
C LEU A 242 13.16 8.55 7.08
N ARG A 243 13.10 8.92 8.35
CA ARG A 243 12.71 10.27 8.73
C ARG A 243 13.77 11.30 8.33
N HIS A 244 14.66 10.91 7.41
CA HIS A 244 15.71 11.81 6.95
C HIS A 244 15.76 11.80 5.44
N ILE A 245 15.04 10.85 4.86
CA ILE A 245 14.95 10.67 3.41
C ILE A 245 13.73 11.40 2.84
N ASP A 246 13.75 12.73 2.90
CA ASP A 246 12.65 13.56 2.40
C ASP A 246 11.99 13.10 1.12
N LEU A 247 12.74 12.46 0.24
CA LEU A 247 12.16 12.06 -1.04
C LEU A 247 11.53 10.67 -1.09
N VAL A 248 11.22 10.12 0.07
CA VAL A 248 10.57 8.81 0.13
C VAL A 248 9.52 8.93 1.22
N GLU A 249 8.24 8.82 0.86
CA GLU A 249 7.18 8.95 1.85
C GLU A 249 7.29 7.85 2.91
N GLY A 250 7.30 8.27 4.18
CA GLY A 250 7.40 7.32 5.28
C GLY A 250 8.11 7.93 6.46
N ASP A 251 8.41 7.12 7.47
CA ASP A 251 9.09 7.62 8.65
C ASP A 251 9.47 6.48 9.57
N GLU A 252 9.10 5.26 9.19
CA GLU A 252 9.41 4.10 10.01
C GLU A 252 10.55 3.26 9.46
N GLY A 253 11.51 2.97 10.34
CA GLY A 253 12.63 2.14 9.95
C GLY A 253 13.76 2.82 9.20
N ARG A 254 14.48 2.01 8.44
CA ARG A 254 15.60 2.50 7.67
C ARG A 254 15.54 2.05 6.23
N MET A 255 16.35 2.73 5.42
CA MET A 255 16.46 2.44 4.00
C MET A 255 17.92 2.68 3.65
N CYS A 256 18.47 1.79 2.85
CA CYS A 256 19.86 1.88 2.42
C CYS A 256 19.96 2.98 1.37
N ILE A 257 20.89 3.92 1.56
CA ILE A 257 21.07 5.01 0.61
C ILE A 257 22.33 4.80 -0.22
N ASN A 258 22.21 5.00 -1.52
CA ASN A 258 23.34 4.84 -2.43
C ASN A 258 23.90 6.25 -2.67
N THR A 259 24.90 6.64 -1.90
CA THR A 259 25.47 7.98 -2.02
C THR A 259 25.95 8.36 -3.42
N GLU A 260 26.62 7.45 -4.11
CA GLU A 260 27.15 7.76 -5.45
C GLU A 260 28.21 8.88 -5.28
N TRP A 261 29.09 8.72 -4.30
CA TRP A 261 30.10 9.72 -3.99
C TRP A 261 31.19 9.92 -5.03
N GLY A 262 31.14 9.15 -6.10
CA GLY A 262 32.14 9.33 -7.13
C GLY A 262 31.96 10.69 -7.79
N ALA A 263 30.72 11.19 -7.77
CA ALA A 263 30.41 12.48 -8.37
C ALA A 263 30.72 13.63 -7.45
N PHE A 264 31.25 13.31 -6.28
CA PHE A 264 31.63 14.31 -5.30
C PHE A 264 32.58 15.26 -6.00
N GLY A 265 32.26 16.55 -5.98
CA GLY A 265 33.12 17.55 -6.62
C GLY A 265 32.81 17.87 -8.08
N ASP A 266 31.86 17.16 -8.66
CA ASP A 266 31.50 17.40 -10.06
C ASP A 266 30.95 18.79 -10.29
N ASP A 267 30.86 19.58 -9.24
CA ASP A 267 30.33 20.93 -9.36
C ASP A 267 31.37 21.99 -9.04
N GLY A 268 32.61 21.57 -8.82
CA GLY A 268 33.67 22.51 -8.50
C GLY A 268 34.17 22.46 -7.07
N SER A 269 33.39 21.86 -6.16
CA SER A 269 33.76 21.79 -4.76
C SER A 269 35.16 21.31 -4.43
N LEU A 270 35.80 20.60 -5.34
CA LEU A 270 37.13 20.08 -5.03
C LEU A 270 38.30 20.63 -5.85
N GLU A 271 38.02 21.61 -6.71
CA GLU A 271 39.07 22.19 -7.54
C GLU A 271 40.31 22.60 -6.77
N ASP A 272 40.15 22.86 -5.49
CA ASP A 272 41.28 23.28 -4.66
C ASP A 272 42.22 22.15 -4.30
N ILE A 273 41.79 20.90 -4.49
CA ILE A 273 42.66 19.77 -4.17
C ILE A 273 43.01 18.91 -5.38
N ARG A 274 42.43 19.24 -6.53
CA ARG A 274 42.72 18.50 -7.77
C ARG A 274 43.92 19.15 -8.45
N THR A 275 44.78 18.33 -9.04
CA THR A 275 45.99 18.84 -9.68
C THR A 275 45.84 18.86 -11.18
N GLU A 276 46.89 19.35 -11.84
CA GLU A 276 46.94 19.43 -13.29
C GLU A 276 46.89 18.03 -13.90
N PHE A 277 47.33 17.04 -13.12
CA PHE A 277 47.33 15.65 -13.57
C PHE A 277 45.93 15.10 -13.47
N ASP A 278 45.19 15.55 -12.46
CA ASP A 278 43.83 15.12 -12.28
C ASP A 278 42.99 15.63 -13.45
N ARG A 279 43.20 16.89 -13.80
CA ARG A 279 42.46 17.50 -14.90
C ARG A 279 42.79 16.89 -16.26
N GLU A 280 44.03 16.49 -16.47
CA GLU A 280 44.39 15.89 -17.75
C GLU A 280 43.76 14.51 -17.85
N ILE A 281 43.73 13.79 -16.73
CA ILE A 281 43.13 12.46 -16.69
C ILE A 281 41.67 12.59 -17.10
N ASP A 282 41.04 13.68 -16.69
CA ASP A 282 39.64 13.93 -16.99
C ASP A 282 39.39 14.23 -18.47
N ARG A 283 40.28 15.02 -19.06
CA ARG A 283 40.19 15.41 -20.46
C ARG A 283 40.28 14.21 -21.40
N GLY A 284 41.02 13.20 -21.00
CA GLY A 284 41.11 12.03 -21.86
C GLY A 284 40.10 10.95 -21.51
N SER A 285 39.17 11.27 -20.60
CA SER A 285 38.17 10.30 -20.16
C SER A 285 36.90 10.26 -21.01
N LEU A 286 36.15 9.19 -20.81
CA LEU A 286 34.91 8.95 -21.54
C LEU A 286 33.84 9.95 -21.13
N ASN A 287 33.80 10.25 -19.84
CA ASN A 287 32.81 11.15 -19.26
C ASN A 287 33.50 12.36 -18.65
N PRO A 288 34.05 13.23 -19.49
CA PRO A 288 34.73 14.42 -18.97
C PRO A 288 33.86 15.27 -18.08
N GLY A 289 34.43 15.68 -16.94
CA GLY A 289 33.70 16.52 -16.01
C GLY A 289 32.81 15.80 -15.02
N LYS A 290 32.73 14.47 -15.14
CA LYS A 290 31.91 13.68 -14.24
C LYS A 290 32.76 12.75 -13.39
N GLN A 291 32.24 12.38 -12.23
CA GLN A 291 32.94 11.47 -11.36
C GLN A 291 34.34 11.98 -11.04
N LEU A 292 34.45 13.28 -10.82
CA LEU A 292 35.74 13.89 -10.55
C LEU A 292 36.45 13.33 -9.31
N PHE A 293 35.69 12.99 -8.28
CA PHE A 293 36.31 12.45 -7.07
C PHE A 293 36.81 11.04 -7.36
N GLU A 294 35.95 10.25 -7.98
CA GLU A 294 36.26 8.88 -8.35
C GLU A 294 37.54 8.79 -9.16
N LYS A 295 37.72 9.74 -10.07
CA LYS A 295 38.89 9.77 -10.93
C LYS A 295 40.16 10.12 -10.16
N MET A 296 40.04 10.33 -8.85
CA MET A 296 41.21 10.66 -8.02
C MET A 296 41.47 9.50 -7.10
N VAL A 297 40.56 8.51 -7.13
CA VAL A 297 40.63 7.38 -6.23
C VAL A 297 40.62 5.96 -6.80
N SER A 298 39.65 5.65 -7.65
CA SER A 298 39.51 4.29 -8.17
C SER A 298 40.61 3.70 -9.00
N GLY A 299 40.62 2.37 -9.05
CA GLY A 299 41.63 1.64 -9.77
C GLY A 299 41.69 1.81 -11.27
N MET A 300 40.57 2.14 -11.89
CA MET A 300 40.57 2.32 -13.34
C MET A 300 41.40 3.56 -13.76
N TYR A 301 41.71 4.43 -12.79
CA TYR A 301 42.47 5.63 -13.09
C TYR A 301 43.84 5.74 -12.43
N LEU A 302 44.05 5.04 -11.33
CA LEU A 302 45.34 5.11 -10.64
C LEU A 302 46.54 4.91 -11.55
N GLY A 303 46.54 3.81 -12.30
CA GLY A 303 47.66 3.54 -13.19
C GLY A 303 47.98 4.68 -14.15
N GLU A 304 46.96 5.12 -14.90
CA GLU A 304 47.11 6.20 -15.88
C GLU A 304 47.56 7.52 -15.25
N LEU A 305 47.13 7.76 -14.02
CA LEU A 305 47.49 8.98 -13.32
C LEU A 305 48.98 9.00 -13.04
N VAL A 306 49.55 7.83 -12.80
CA VAL A 306 50.97 7.76 -12.53
C VAL A 306 51.71 7.96 -13.85
N ARG A 307 51.22 7.36 -14.92
CA ARG A 307 51.86 7.51 -16.23
C ARG A 307 52.02 8.99 -16.58
N LEU A 308 50.93 9.75 -16.48
CA LEU A 308 50.95 11.18 -16.79
C LEU A 308 52.01 11.90 -15.96
N ILE A 309 52.14 11.51 -14.71
CA ILE A 309 53.12 12.15 -13.84
C ILE A 309 54.51 11.79 -14.31
N LEU A 310 54.67 10.59 -14.85
CA LEU A 310 55.97 10.14 -15.32
C LEU A 310 56.34 10.82 -16.64
N VAL A 311 55.36 11.00 -17.51
CA VAL A 311 55.62 11.66 -18.80
C VAL A 311 56.11 13.08 -18.55
N LYS A 312 55.45 13.78 -17.64
CA LYS A 312 55.82 15.16 -17.31
C LYS A 312 57.24 15.21 -16.77
N MET A 313 57.61 14.25 -15.92
CA MET A 313 58.95 14.22 -15.35
C MET A 313 60.05 13.88 -16.36
N ALA A 314 59.81 12.91 -17.24
CA ALA A 314 60.82 12.57 -18.23
C ALA A 314 61.03 13.81 -19.08
N LYS A 315 59.92 14.38 -19.53
CA LYS A 315 59.95 15.60 -20.33
C LYS A 315 60.80 16.68 -19.66
N GLU A 316 60.89 16.66 -18.33
CA GLU A 316 61.69 17.66 -17.64
C GLU A 316 63.04 17.09 -17.24
N GLY A 317 63.40 15.97 -17.85
CA GLY A 317 64.66 15.33 -17.54
C GLY A 317 64.83 15.07 -16.06
N LEU A 318 63.72 14.87 -15.37
CA LEU A 318 63.73 14.59 -13.95
C LEU A 318 63.82 13.08 -13.71
N LEU A 319 63.50 12.30 -14.73
CA LEU A 319 63.54 10.84 -14.67
C LEU A 319 64.07 10.30 -15.99
N PHE A 320 64.61 9.08 -15.95
CA PHE A 320 65.15 8.42 -17.14
C PHE A 320 66.11 9.31 -17.92
N GLU A 321 66.60 10.38 -17.28
CA GLU A 321 67.52 11.30 -17.92
C GLU A 321 66.84 11.93 -19.13
N GLY A 322 65.55 12.23 -18.99
CA GLY A 322 64.80 12.84 -20.07
C GLY A 322 64.46 11.99 -21.28
N ARG A 323 64.90 10.74 -21.30
CA ARG A 323 64.60 9.86 -22.43
C ARG A 323 63.09 9.53 -22.44
N ILE A 324 62.44 9.82 -23.57
CA ILE A 324 61.01 9.58 -23.72
C ILE A 324 60.79 8.60 -24.85
N THR A 325 59.96 7.59 -24.61
CA THR A 325 59.69 6.56 -25.60
C THR A 325 58.25 6.53 -26.02
N PRO A 326 57.97 6.02 -27.22
CA PRO A 326 56.61 5.95 -27.74
C PRO A 326 55.66 5.20 -26.80
N GLU A 327 56.21 4.29 -26.02
CA GLU A 327 55.42 3.49 -25.08
C GLU A 327 55.01 4.27 -23.84
N LEU A 328 55.97 4.99 -23.27
CA LEU A 328 55.71 5.79 -22.08
C LEU A 328 54.60 6.81 -22.35
N LEU A 329 54.44 7.21 -23.61
CA LEU A 329 53.44 8.22 -23.98
C LEU A 329 52.11 7.64 -24.41
N THR A 330 52.06 6.32 -24.58
CA THR A 330 50.81 5.69 -25.01
C THR A 330 49.90 5.47 -23.83
N ARG A 331 48.69 5.99 -23.94
CA ARG A 331 47.69 5.87 -22.89
C ARG A 331 47.36 4.42 -22.55
N GLY A 332 47.34 4.12 -21.26
CA GLY A 332 47.00 2.77 -20.83
C GLY A 332 48.14 1.78 -20.70
N LYS A 333 49.37 2.23 -20.90
CA LYS A 333 50.53 1.36 -20.80
C LYS A 333 50.99 1.07 -19.38
N PHE A 334 50.60 1.93 -18.44
CA PHE A 334 50.97 1.76 -17.04
C PHE A 334 49.68 1.50 -16.27
N ASN A 335 49.43 0.22 -15.98
CA ASN A 335 48.23 -0.20 -15.29
C ASN A 335 48.31 -0.07 -13.79
N THR A 336 47.15 0.02 -13.15
CA THR A 336 47.09 0.11 -11.70
C THR A 336 47.70 -1.15 -11.08
N SER A 337 47.79 -2.22 -11.86
CA SER A 337 48.35 -3.45 -11.35
C SER A 337 49.88 -3.31 -11.27
N ASP A 338 50.45 -2.36 -12.00
CA ASP A 338 51.90 -2.14 -11.95
C ASP A 338 52.17 -1.31 -10.72
N VAL A 339 51.19 -0.48 -10.36
CA VAL A 339 51.30 0.37 -9.18
C VAL A 339 51.43 -0.53 -7.95
N SER A 340 50.66 -1.61 -7.94
CA SER A 340 50.67 -2.56 -6.83
C SER A 340 51.94 -3.37 -6.83
N ALA A 341 52.30 -3.93 -7.98
CA ALA A 341 53.51 -4.72 -8.09
C ALA A 341 54.70 -3.92 -7.58
N ILE A 342 54.74 -2.65 -7.93
CA ILE A 342 55.84 -1.77 -7.56
C ILE A 342 55.88 -1.46 -6.06
N GLU A 343 54.71 -1.42 -5.42
CA GLU A 343 54.68 -1.11 -4.00
C GLU A 343 54.78 -2.32 -3.05
N LYS A 344 55.12 -3.49 -3.59
CA LYS A 344 55.27 -4.67 -2.74
C LYS A 344 56.47 -4.42 -1.86
N ASN A 345 56.45 -4.92 -0.63
CA ASN A 345 57.59 -4.71 0.28
C ASN A 345 58.82 -5.46 -0.20
N LYS A 346 58.63 -6.71 -0.58
CA LYS A 346 59.73 -7.53 -1.02
C LYS A 346 60.33 -7.08 -2.34
N GLU A 347 59.65 -7.44 -3.42
CA GLU A 347 60.10 -7.17 -4.77
C GLU A 347 59.62 -5.88 -5.43
N GLY A 348 59.35 -4.85 -4.63
CA GLY A 348 58.87 -3.61 -5.21
C GLY A 348 59.77 -2.97 -6.26
N LEU A 349 61.00 -2.69 -5.88
CA LEU A 349 61.96 -2.06 -6.78
C LEU A 349 62.42 -2.94 -7.94
N HIS A 350 62.33 -4.25 -7.78
CA HIS A 350 62.72 -5.15 -8.85
C HIS A 350 61.60 -5.15 -9.88
N ASN A 351 60.37 -5.10 -9.37
CA ASN A 351 59.18 -5.07 -10.22
C ASN A 351 59.21 -3.79 -11.02
N ALA A 352 59.63 -2.71 -10.37
CA ALA A 352 59.73 -1.41 -11.01
C ALA A 352 60.66 -1.52 -12.21
N LYS A 353 61.90 -1.94 -11.97
CA LYS A 353 62.88 -2.08 -13.05
C LYS A 353 62.34 -2.90 -14.22
N GLU A 354 61.68 -4.01 -13.92
CA GLU A 354 61.12 -4.84 -14.97
C GLU A 354 60.06 -4.09 -15.74
N ILE A 355 59.08 -3.54 -15.02
CA ILE A 355 58.00 -2.80 -15.65
C ILE A 355 58.51 -1.66 -16.52
N LEU A 356 59.24 -0.73 -15.92
CA LEU A 356 59.78 0.41 -16.64
C LEU A 356 60.58 -0.03 -17.86
N THR A 357 61.44 -1.04 -17.67
CA THR A 357 62.24 -1.56 -18.76
C THR A 357 61.34 -2.02 -19.89
N ARG A 358 60.22 -2.65 -19.56
CA ARG A 358 59.30 -3.13 -20.58
C ARG A 358 58.69 -1.97 -21.36
N LEU A 359 58.81 -0.78 -20.78
CA LEU A 359 58.30 0.45 -21.39
C LEU A 359 59.30 1.07 -22.34
N GLY A 360 60.40 0.36 -22.59
CA GLY A 360 61.42 0.88 -23.50
C GLY A 360 62.43 1.77 -22.81
N VAL A 361 62.11 2.21 -21.61
CA VAL A 361 63.03 3.06 -20.86
C VAL A 361 64.15 2.17 -20.34
N GLU A 362 65.24 2.79 -19.93
CA GLU A 362 66.38 2.08 -19.35
C GLU A 362 66.50 2.75 -17.98
N PRO A 363 65.82 2.19 -16.98
CA PRO A 363 65.83 2.75 -15.62
C PRO A 363 67.09 2.55 -14.80
N SER A 364 67.43 3.59 -14.05
CA SER A 364 68.56 3.56 -13.16
C SER A 364 68.00 3.22 -11.79
N ASP A 365 68.84 2.75 -10.87
CA ASP A 365 68.34 2.41 -9.55
C ASP A 365 67.63 3.61 -8.97
N ASP A 366 68.14 4.80 -9.26
CA ASP A 366 67.52 6.00 -8.74
C ASP A 366 66.13 6.13 -9.36
N ASP A 367 66.03 5.87 -10.66
CA ASP A 367 64.76 5.98 -11.34
C ASP A 367 63.70 5.12 -10.68
N CYS A 368 64.04 3.87 -10.38
CA CYS A 368 63.12 2.92 -9.74
C CYS A 368 62.59 3.39 -8.39
N VAL A 369 63.47 3.91 -7.57
CA VAL A 369 63.08 4.41 -6.25
C VAL A 369 62.09 5.55 -6.44
N SER A 370 62.40 6.46 -7.35
CA SER A 370 61.55 7.60 -7.63
C SER A 370 60.19 7.19 -8.15
N VAL A 371 60.17 6.33 -9.17
CA VAL A 371 58.91 5.87 -9.73
C VAL A 371 58.10 5.14 -8.66
N GLN A 372 58.77 4.48 -7.73
CA GLN A 372 58.06 3.76 -6.68
C GLN A 372 57.44 4.74 -5.69
N HIS A 373 58.08 5.89 -5.49
CA HIS A 373 57.58 6.89 -4.56
C HIS A 373 56.43 7.67 -5.17
N VAL A 374 56.38 7.71 -6.50
CA VAL A 374 55.30 8.40 -7.16
C VAL A 374 54.07 7.54 -6.90
N CYS A 375 54.22 6.22 -7.08
CA CYS A 375 53.13 5.27 -6.84
C CYS A 375 52.61 5.45 -5.43
N THR A 376 53.52 5.40 -4.46
CA THR A 376 53.20 5.56 -3.05
C THR A 376 52.37 6.82 -2.78
N ILE A 377 52.82 7.94 -3.35
CA ILE A 377 52.14 9.20 -3.16
C ILE A 377 50.74 9.23 -3.79
N VAL A 378 50.60 8.58 -4.95
CA VAL A 378 49.32 8.55 -5.66
C VAL A 378 48.31 7.60 -5.00
N SER A 379 48.77 6.42 -4.61
CA SER A 379 47.87 5.46 -3.97
C SER A 379 47.57 5.86 -2.52
N PHE A 380 48.49 6.56 -1.88
CA PHE A 380 48.23 6.99 -0.51
C PHE A 380 47.12 8.02 -0.52
N ARG A 381 47.06 8.84 -1.56
CA ARG A 381 46.03 9.86 -1.67
C ARG A 381 44.68 9.18 -1.78
N SER A 382 44.60 8.17 -2.64
CA SER A 382 43.36 7.41 -2.83
C SER A 382 42.86 6.96 -1.47
N ALA A 383 43.74 6.32 -0.71
CA ALA A 383 43.41 5.80 0.60
C ALA A 383 42.93 6.89 1.54
N ASN A 384 43.68 7.97 1.64
CA ASN A 384 43.34 9.07 2.53
C ASN A 384 42.04 9.75 2.17
N LEU A 385 41.78 9.92 0.88
CA LEU A 385 40.56 10.56 0.44
C LEU A 385 39.32 9.75 0.80
N VAL A 386 39.41 8.43 0.64
CA VAL A 386 38.29 7.55 0.94
C VAL A 386 38.09 7.39 2.44
N ALA A 387 39.14 7.62 3.22
CA ALA A 387 39.04 7.54 4.66
C ALA A 387 38.19 8.74 5.05
N ALA A 388 38.53 9.89 4.48
CA ALA A 388 37.82 11.13 4.76
C ALA A 388 36.31 11.01 4.51
N THR A 389 35.92 10.63 3.29
CA THR A 389 34.50 10.52 2.98
C THR A 389 33.80 9.40 3.76
N LEU A 390 34.49 8.28 4.01
CA LEU A 390 33.87 7.20 4.78
C LEU A 390 33.64 7.69 6.19
N GLY A 391 34.62 8.44 6.70
CA GLY A 391 34.50 8.98 8.04
C GLY A 391 33.28 9.86 8.18
N ALA A 392 32.87 10.49 7.09
CA ALA A 392 31.70 11.37 7.11
C ALA A 392 30.48 10.51 7.31
N ILE A 393 30.48 9.32 6.71
CA ILE A 393 29.36 8.41 6.82
C ILE A 393 29.32 7.80 8.21
N LEU A 394 30.48 7.65 8.84
CA LEU A 394 30.51 7.09 10.19
C LEU A 394 29.97 8.12 11.16
N ASN A 395 30.49 9.35 11.10
CA ASN A 395 30.01 10.41 11.98
C ASN A 395 28.49 10.52 11.83
N ARG A 396 28.01 10.40 10.61
CA ARG A 396 26.58 10.49 10.34
C ARG A 396 25.85 9.37 11.08
N LEU A 397 26.38 8.16 11.02
CA LEU A 397 25.75 7.04 11.70
C LEU A 397 25.80 7.24 13.21
N ARG A 398 26.89 7.82 13.71
CA ARG A 398 27.05 8.05 15.14
C ARG A 398 26.02 9.06 15.63
N ASP A 399 25.70 10.03 14.78
CA ASP A 399 24.74 11.07 15.11
C ASP A 399 23.31 10.53 15.09
N ASN A 400 23.02 9.70 14.09
CA ASN A 400 21.70 9.12 13.95
C ASN A 400 21.35 8.27 15.16
N LYS A 401 22.33 7.53 15.67
CA LYS A 401 22.11 6.67 16.83
C LYS A 401 22.32 7.38 18.16
N GLY A 402 22.69 8.66 18.09
CA GLY A 402 22.90 9.45 19.30
C GLY A 402 23.94 8.92 20.27
N THR A 403 24.64 7.86 19.89
CA THR A 403 25.66 7.28 20.76
C THR A 403 26.97 8.07 20.72
N PRO A 404 27.62 8.25 21.89
CA PRO A 404 28.89 8.98 22.01
C PRO A 404 30.04 8.33 21.25
N ARG A 405 30.09 7.00 21.28
CA ARG A 405 31.13 6.24 20.58
C ARG A 405 30.42 5.30 19.63
N LEU A 406 30.92 5.20 18.41
CA LEU A 406 30.27 4.36 17.40
C LEU A 406 30.84 2.95 17.24
N ARG A 407 29.94 1.99 17.09
CA ARG A 407 30.32 0.61 16.87
C ARG A 407 29.53 0.11 15.67
N THR A 408 30.24 -0.16 14.58
CA THR A 408 29.57 -0.63 13.37
C THR A 408 30.52 -1.49 12.55
N THR A 409 29.93 -2.19 11.58
CA THR A 409 30.69 -3.08 10.69
C THR A 409 30.50 -2.60 9.26
N VAL A 410 31.61 -2.44 8.55
CA VAL A 410 31.60 -1.98 7.17
C VAL A 410 31.91 -3.11 6.20
N GLY A 411 31.05 -3.29 5.20
CA GLY A 411 31.25 -4.34 4.22
C GLY A 411 32.08 -3.78 3.09
N VAL A 412 33.28 -4.33 2.89
CA VAL A 412 34.20 -3.86 1.84
C VAL A 412 34.42 -4.83 0.69
N ASP A 413 34.79 -4.26 -0.45
CA ASP A 413 35.08 -5.01 -1.66
C ASP A 413 35.69 -4.07 -2.70
N GLY A 414 36.32 -4.62 -3.73
CA GLY A 414 36.94 -3.81 -4.77
C GLY A 414 38.32 -4.35 -5.07
N SER A 415 38.64 -4.45 -6.36
CA SER A 415 39.93 -4.98 -6.79
C SER A 415 41.12 -4.22 -6.21
N LEU A 416 41.04 -2.89 -6.20
CA LEU A 416 42.12 -2.07 -5.67
C LEU A 416 42.40 -2.40 -4.21
N TYR A 417 41.37 -2.27 -3.37
CA TYR A 417 41.49 -2.55 -1.94
C TYR A 417 41.99 -3.97 -1.66
N LYS A 418 41.44 -4.95 -2.38
CA LYS A 418 41.81 -6.34 -2.19
C LYS A 418 43.16 -6.77 -2.76
N THR A 419 43.68 -6.04 -3.73
CA THR A 419 44.97 -6.45 -4.32
C THR A 419 46.16 -5.54 -4.05
N HIS A 420 45.94 -4.30 -3.66
CA HIS A 420 47.08 -3.44 -3.37
C HIS A 420 47.68 -3.86 -2.04
N PRO A 421 49.01 -4.07 -2.00
CA PRO A 421 49.65 -4.50 -0.76
C PRO A 421 49.60 -3.53 0.41
N GLN A 422 49.57 -2.22 0.13
CA GLN A 422 49.57 -1.21 1.19
C GLN A 422 48.26 -0.47 1.44
N TYR A 423 47.33 -0.51 0.49
CA TYR A 423 46.06 0.22 0.63
C TYR A 423 45.31 -0.02 1.95
N SER A 424 44.96 -1.27 2.17
CA SER A 424 44.26 -1.67 3.37
C SER A 424 44.86 -0.99 4.59
N ARG A 425 46.14 -1.21 4.83
CA ARG A 425 46.82 -0.67 5.99
C ARG A 425 46.79 0.84 6.10
N ARG A 426 47.10 1.54 5.02
CA ARG A 426 47.13 3.00 5.04
C ARG A 426 45.73 3.54 5.29
N PHE A 427 44.75 2.93 4.63
CA PHE A 427 43.35 3.32 4.74
C PHE A 427 42.86 3.19 6.18
N HIS A 428 43.14 2.06 6.81
CA HIS A 428 42.69 1.88 8.17
C HIS A 428 43.37 2.85 9.11
N LYS A 429 44.68 2.99 8.96
CA LYS A 429 45.44 3.90 9.82
C LYS A 429 44.87 5.32 9.78
N THR A 430 44.78 5.89 8.60
CA THR A 430 44.25 7.24 8.46
C THR A 430 42.84 7.35 9.01
N LEU A 431 42.01 6.35 8.72
CA LEU A 431 40.63 6.36 9.19
C LEU A 431 40.52 6.36 10.70
N ARG A 432 41.37 5.57 11.37
CA ARG A 432 41.35 5.47 12.83
C ARG A 432 41.81 6.78 13.48
N ARG A 433 42.50 7.61 12.70
CA ARG A 433 43.02 8.87 13.20
C ARG A 433 42.04 10.03 13.00
N LEU A 434 41.16 9.90 12.01
CA LEU A 434 40.19 10.97 11.72
C LEU A 434 38.90 10.80 12.50
N VAL A 435 38.43 9.55 12.59
CA VAL A 435 37.20 9.17 13.30
C VAL A 435 37.66 8.34 14.51
N PRO A 436 38.02 9.01 15.61
CA PRO A 436 38.50 8.36 16.84
C PRO A 436 37.50 7.69 17.77
N ASP A 437 36.40 8.36 18.11
CA ASP A 437 35.47 7.73 19.05
C ASP A 437 34.57 6.68 18.41
N SER A 438 35.18 5.61 17.93
CA SER A 438 34.42 4.56 17.26
C SER A 438 35.25 3.34 16.92
N ASP A 439 34.64 2.16 16.99
CA ASP A 439 35.33 0.93 16.62
C ASP A 439 34.55 0.33 15.44
N VAL A 440 35.18 0.37 14.27
CA VAL A 440 34.60 -0.11 13.03
C VAL A 440 35.14 -1.48 12.65
N ARG A 441 34.26 -2.40 12.27
CA ARG A 441 34.69 -3.72 11.85
C ARG A 441 34.59 -3.80 10.34
N PHE A 442 35.67 -4.22 9.70
CA PHE A 442 35.71 -4.32 8.25
C PHE A 442 35.66 -5.77 7.79
N LEU A 443 34.53 -6.12 7.18
CA LEU A 443 34.31 -7.46 6.68
C LEU A 443 34.52 -7.49 5.17
N LEU A 444 35.41 -8.36 4.71
CA LEU A 444 35.67 -8.50 3.27
C LEU A 444 34.75 -9.62 2.76
N SER A 445 34.36 -9.54 1.50
CA SER A 445 33.46 -10.53 0.93
C SER A 445 34.05 -11.20 -0.31
N GLU A 446 33.79 -12.49 -0.46
CA GLU A 446 34.29 -13.25 -1.61
C GLU A 446 33.72 -12.61 -2.88
N SER A 447 32.49 -12.97 -3.23
CA SER A 447 31.85 -12.39 -4.40
C SER A 447 31.25 -11.06 -3.96
N GLY A 448 30.95 -10.95 -2.67
CA GLY A 448 30.42 -9.73 -2.11
C GLY A 448 29.07 -9.24 -2.60
N SER A 449 28.84 -9.22 -3.90
CA SER A 449 27.56 -8.76 -4.44
C SER A 449 26.87 -9.95 -5.09
N GLY A 450 27.53 -11.09 -5.04
CA GLY A 450 26.96 -12.30 -5.60
C GLY A 450 25.92 -12.81 -4.64
N LYS A 451 26.33 -13.02 -3.40
CA LYS A 451 25.41 -13.50 -2.36
C LYS A 451 24.45 -12.40 -1.93
N GLY A 452 24.84 -11.15 -2.17
CA GLY A 452 24.02 -10.02 -1.80
C GLY A 452 22.76 -9.91 -2.60
N ALA A 453 22.89 -9.83 -3.91
CA ALA A 453 21.74 -9.73 -4.79
C ALA A 453 20.78 -10.89 -4.49
N ALA A 454 21.34 -12.01 -4.04
CA ALA A 454 20.55 -13.19 -3.72
C ALA A 454 19.66 -13.00 -2.50
N MET A 455 20.18 -12.32 -1.48
CA MET A 455 19.43 -12.08 -0.25
C MET A 455 18.31 -11.09 -0.50
N VAL A 456 18.55 -10.13 -1.37
CA VAL A 456 17.54 -9.14 -1.69
C VAL A 456 16.50 -9.81 -2.59
N THR A 457 16.97 -10.62 -3.54
CA THR A 457 16.06 -11.33 -4.42
C THR A 457 15.13 -12.17 -3.55
N ALA A 458 15.72 -12.92 -2.63
CA ALA A 458 14.98 -13.78 -1.71
C ALA A 458 13.76 -13.06 -1.14
N VAL A 459 13.99 -11.91 -0.51
CA VAL A 459 12.92 -11.13 0.10
C VAL A 459 11.91 -10.64 -0.92
N ALA A 460 12.39 -10.28 -2.10
CA ALA A 460 11.54 -9.79 -3.16
C ALA A 460 10.57 -10.90 -3.59
N TYR A 461 11.09 -12.10 -3.77
CA TYR A 461 10.25 -13.22 -4.17
C TYR A 461 9.20 -13.45 -3.10
N ARG A 462 9.65 -13.52 -1.86
CA ARG A 462 8.78 -13.71 -0.71
C ARG A 462 7.56 -12.81 -0.83
N LEU A 463 7.77 -11.50 -0.79
CA LEU A 463 6.67 -10.55 -0.89
C LEU A 463 5.85 -10.71 -2.18
N ALA A 464 6.42 -11.34 -3.19
CA ALA A 464 5.73 -11.53 -4.45
C ALA A 464 4.67 -12.62 -4.33
N GLU A 465 4.98 -13.65 -3.54
CA GLU A 465 4.07 -14.75 -3.31
C GLU A 465 2.93 -14.33 -2.39
N GLN A 466 3.26 -13.52 -1.39
CA GLN A 466 2.27 -13.02 -0.45
C GLN A 466 1.20 -12.29 -1.24
N HIS A 467 1.63 -11.47 -2.19
CA HIS A 467 0.71 -10.72 -3.01
C HIS A 467 -0.05 -11.64 -3.95
N ARG A 468 0.62 -12.66 -4.46
CA ARG A 468 -0.05 -13.58 -5.37
C ARG A 468 -1.14 -14.30 -4.59
N GLN A 469 -0.80 -14.69 -3.37
CA GLN A 469 -1.75 -15.37 -2.51
C GLN A 469 -2.92 -14.45 -2.15
N ILE A 470 -2.62 -13.34 -1.49
CA ILE A 470 -3.64 -12.38 -1.10
C ILE A 470 -4.59 -12.09 -2.27
N GLU A 471 -4.05 -12.00 -3.48
CA GLU A 471 -4.86 -11.73 -4.65
C GLU A 471 -5.82 -12.86 -4.95
N GLU A 472 -5.39 -14.08 -4.69
CA GLU A 472 -6.26 -15.22 -4.94
C GLU A 472 -7.40 -15.26 -3.93
N THR A 473 -7.08 -15.02 -2.67
CA THR A 473 -8.07 -15.02 -1.59
C THR A 473 -9.18 -14.00 -1.84
N LEU A 474 -8.80 -12.80 -2.24
CA LEU A 474 -9.77 -11.76 -2.50
C LEU A 474 -10.53 -11.95 -3.80
N ALA A 475 -10.07 -12.89 -4.63
CA ALA A 475 -10.73 -13.14 -5.91
C ALA A 475 -12.13 -13.72 -5.72
N HIS A 476 -12.33 -14.45 -4.63
CA HIS A 476 -13.62 -15.05 -4.34
C HIS A 476 -14.68 -13.98 -4.15
N PHE A 477 -14.23 -12.78 -3.76
CA PHE A 477 -15.13 -11.67 -3.52
C PHE A 477 -15.50 -10.97 -4.81
N HIS A 478 -14.88 -11.35 -5.91
CA HIS A 478 -15.17 -10.72 -7.19
C HIS A 478 -16.34 -11.37 -7.92
N LEU A 479 -17.44 -10.63 -8.00
CA LEU A 479 -18.63 -11.13 -8.68
C LEU A 479 -18.62 -10.63 -10.12
N THR A 480 -18.95 -11.51 -11.05
CA THR A 480 -18.98 -11.15 -12.46
C THR A 480 -20.39 -10.77 -12.82
N LYS A 481 -20.54 -10.01 -13.91
CA LYS A 481 -21.85 -9.55 -14.34
C LYS A 481 -22.85 -10.68 -14.54
N ASP A 482 -22.35 -11.90 -14.73
CA ASP A 482 -23.24 -13.03 -14.95
C ASP A 482 -23.75 -13.56 -13.62
N MET A 483 -22.86 -13.60 -12.62
CA MET A 483 -23.27 -14.07 -11.31
C MET A 483 -24.30 -13.07 -10.80
N LEU A 484 -24.00 -11.80 -11.00
CA LEU A 484 -24.89 -10.74 -10.56
C LEU A 484 -26.26 -10.88 -11.20
N LEU A 485 -26.31 -11.41 -12.41
CA LEU A 485 -27.58 -11.58 -13.09
C LEU A 485 -28.34 -12.74 -12.48
N GLU A 486 -27.61 -13.74 -12.00
CA GLU A 486 -28.23 -14.91 -11.38
C GLU A 486 -28.81 -14.46 -10.05
N VAL A 487 -28.02 -13.68 -9.32
CA VAL A 487 -28.44 -13.16 -8.03
C VAL A 487 -29.74 -12.38 -8.24
N LYS A 488 -29.77 -11.57 -9.29
CA LYS A 488 -30.96 -10.79 -9.61
C LYS A 488 -32.08 -11.74 -9.99
N LYS A 489 -31.72 -12.81 -10.70
CA LYS A 489 -32.68 -13.81 -11.14
C LYS A 489 -33.30 -14.48 -9.92
N ARG A 490 -32.43 -14.92 -9.02
CA ARG A 490 -32.87 -15.60 -7.81
C ARG A 490 -33.70 -14.73 -6.87
N MET A 491 -33.30 -13.47 -6.73
CA MET A 491 -34.04 -12.57 -5.86
C MET A 491 -35.48 -12.51 -6.35
N ARG A 492 -35.62 -12.32 -7.67
CA ARG A 492 -36.93 -12.22 -8.31
C ARG A 492 -37.83 -13.44 -8.06
N ALA A 493 -37.23 -14.62 -8.06
CA ALA A 493 -37.96 -15.86 -7.82
C ALA A 493 -38.41 -15.88 -6.36
N GLU A 494 -37.52 -15.44 -5.49
CA GLU A 494 -37.82 -15.41 -4.07
C GLU A 494 -39.02 -14.50 -3.84
N MET A 495 -39.02 -13.34 -4.52
CA MET A 495 -40.11 -12.38 -4.41
C MET A 495 -41.45 -13.04 -4.72
N GLU A 496 -41.49 -13.79 -5.81
CA GLU A 496 -42.71 -14.46 -6.22
C GLU A 496 -43.21 -15.45 -5.18
N LEU A 497 -42.32 -16.29 -4.65
CA LEU A 497 -42.75 -17.25 -3.65
C LEU A 497 -43.42 -16.57 -2.46
N GLY A 498 -42.92 -15.40 -2.10
CA GLY A 498 -43.46 -14.68 -0.97
C GLY A 498 -44.78 -14.00 -1.24
N LEU A 499 -45.07 -13.68 -2.50
CA LEU A 499 -46.32 -13.01 -2.85
C LEU A 499 -47.44 -14.02 -3.02
N ARG A 500 -47.13 -15.16 -3.64
CA ARG A 500 -48.11 -16.21 -3.89
C ARG A 500 -48.61 -16.75 -2.56
N LYS A 501 -49.91 -17.02 -2.47
CA LYS A 501 -50.50 -17.52 -1.23
C LYS A 501 -50.15 -18.97 -0.95
N GLN A 502 -49.88 -19.72 -2.01
CA GLN A 502 -49.56 -21.14 -1.89
C GLN A 502 -48.17 -21.46 -1.35
N THR A 503 -47.28 -20.48 -1.37
CA THR A 503 -45.92 -20.73 -0.91
C THR A 503 -45.39 -19.70 0.10
N HIS A 504 -46.18 -18.68 0.38
CA HIS A 504 -45.78 -17.63 1.30
C HIS A 504 -45.27 -18.09 2.66
N ASN A 505 -45.98 -19.01 3.28
CA ASN A 505 -45.61 -19.49 4.60
C ASN A 505 -44.24 -20.14 4.66
N ASN A 506 -43.73 -20.58 3.52
CA ASN A 506 -42.43 -21.23 3.47
C ASN A 506 -41.35 -20.39 2.80
N ALA A 507 -41.72 -19.19 2.36
CA ALA A 507 -40.81 -18.27 1.72
C ALA A 507 -39.93 -17.56 2.74
N VAL A 508 -38.68 -17.29 2.38
CA VAL A 508 -37.76 -16.60 3.28
C VAL A 508 -37.84 -15.09 3.11
N VAL A 509 -38.16 -14.66 1.89
CA VAL A 509 -38.32 -13.23 1.60
C VAL A 509 -39.84 -13.06 1.75
N LYS A 510 -40.26 -12.76 2.98
CA LYS A 510 -41.66 -12.68 3.32
C LYS A 510 -42.59 -11.79 2.51
N MET A 511 -42.08 -10.70 1.97
CA MET A 511 -42.93 -9.82 1.18
C MET A 511 -44.23 -9.49 1.90
N LEU A 512 -44.12 -8.86 3.06
CA LEU A 512 -45.27 -8.49 3.87
C LEU A 512 -45.93 -7.24 3.36
N PRO A 513 -47.28 -7.18 3.40
CA PRO A 513 -47.98 -6.00 2.92
C PRO A 513 -47.99 -4.94 4.00
N SER A 514 -47.73 -3.69 3.62
CA SER A 514 -47.69 -2.59 4.57
C SER A 514 -49.06 -1.95 4.75
N PHE A 515 -49.94 -2.21 3.80
CA PHE A 515 -51.30 -1.68 3.81
C PHE A 515 -51.32 -0.19 3.46
N VAL A 516 -50.22 0.27 2.89
CA VAL A 516 -50.10 1.66 2.44
C VAL A 516 -50.44 1.55 0.96
N ARG A 517 -51.68 1.89 0.63
CA ARG A 517 -52.18 1.77 -0.74
C ARG A 517 -51.90 2.94 -1.66
N ARG A 518 -51.25 3.98 -1.16
CA ARG A 518 -50.97 5.13 -2.02
C ARG A 518 -49.88 6.03 -1.45
N THR A 519 -49.08 6.60 -2.34
CA THR A 519 -48.01 7.50 -1.93
C THR A 519 -48.67 8.86 -1.77
N PRO A 520 -48.02 9.80 -1.06
CA PRO A 520 -48.69 11.10 -0.92
C PRO A 520 -48.95 11.70 -2.30
N ASP A 521 -49.96 12.55 -2.41
CA ASP A 521 -50.27 13.17 -3.69
C ASP A 521 -50.22 14.68 -3.63
N GLY A 522 -49.94 15.21 -2.44
CA GLY A 522 -49.87 16.65 -2.26
C GLY A 522 -51.11 17.20 -1.58
N THR A 523 -52.22 16.48 -1.70
CA THR A 523 -53.48 16.88 -1.09
C THR A 523 -53.38 16.89 0.43
N GLU A 524 -52.39 16.20 0.97
CA GLU A 524 -52.22 16.12 2.42
C GLU A 524 -51.97 17.44 3.12
N ASN A 525 -52.80 17.70 4.14
CA ASN A 525 -52.70 18.93 4.92
C ASN A 525 -53.20 18.64 6.33
N GLY A 526 -52.46 19.08 7.33
CA GLY A 526 -52.89 18.86 8.70
C GLY A 526 -51.74 18.78 9.71
N ASP A 527 -52.11 18.55 10.96
CA ASP A 527 -51.15 18.42 12.05
C ASP A 527 -51.17 16.98 12.54
N PHE A 528 -50.02 16.32 12.45
CA PHE A 528 -49.94 14.91 12.86
C PHE A 528 -48.85 14.61 13.86
N LEU A 529 -49.09 13.59 14.66
CA LEU A 529 -48.13 13.15 15.65
C LEU A 529 -47.52 11.85 15.15
N ALA A 530 -46.29 11.58 15.55
CA ALA A 530 -45.62 10.34 15.17
C ALA A 530 -44.86 9.88 16.40
N LEU A 531 -44.75 8.56 16.55
CA LEU A 531 -44.03 7.97 17.65
C LEU A 531 -42.95 7.14 16.97
N ASP A 532 -41.69 7.38 17.32
CA ASP A 532 -40.60 6.64 16.70
C ASP A 532 -39.98 5.74 17.76
N LEU A 533 -40.40 4.48 17.79
CA LEU A 533 -39.88 3.54 18.78
C LEU A 533 -39.00 2.47 18.18
N GLY A 534 -37.71 2.53 18.50
CA GLY A 534 -36.78 1.55 17.99
C GLY A 534 -35.59 1.37 18.91
N GLY A 535 -35.78 1.66 20.19
CA GLY A 535 -34.70 1.53 21.16
C GLY A 535 -34.94 2.28 22.46
N THR A 536 -33.91 2.27 23.32
CA THR A 536 -33.96 2.94 24.62
C THR A 536 -34.35 4.41 24.49
N ASN A 537 -34.00 4.99 23.35
CA ASN A 537 -34.31 6.38 23.09
C ASN A 537 -35.26 6.44 21.90
N PHE A 538 -36.53 6.71 22.19
CA PHE A 538 -37.53 6.82 21.16
C PHE A 538 -37.87 8.30 21.16
N ARG A 539 -38.68 8.73 20.21
CA ARG A 539 -39.07 10.13 20.18
C ARG A 539 -40.50 10.31 19.72
N VAL A 540 -41.07 11.43 20.14
CA VAL A 540 -42.43 11.79 19.76
C VAL A 540 -42.22 12.98 18.85
N LEU A 541 -43.13 13.18 17.92
CA LEU A 541 -42.99 14.29 16.98
C LEU A 541 -44.31 14.92 16.60
N LEU A 542 -44.24 16.19 16.24
CA LEU A 542 -45.40 16.89 15.74
C LEU A 542 -45.00 17.33 14.35
N VAL A 543 -45.81 17.00 13.37
CA VAL A 543 -45.51 17.36 11.99
C VAL A 543 -46.68 18.13 11.42
N LYS A 544 -46.44 19.39 11.06
CA LYS A 544 -47.48 20.23 10.48
C LYS A 544 -47.34 20.20 8.97
N ILE A 545 -48.37 19.70 8.29
CA ILE A 545 -48.33 19.59 6.83
C ILE A 545 -49.35 20.54 6.20
N ARG A 546 -48.87 21.41 5.32
CA ARG A 546 -49.76 22.36 4.65
C ARG A 546 -49.73 22.16 3.14
N SER A 547 -50.86 21.72 2.60
CA SER A 547 -50.99 21.48 1.17
C SER A 547 -51.29 22.80 0.46
N GLY A 548 -50.48 23.80 0.71
CA GLY A 548 -50.69 25.09 0.07
C GLY A 548 -50.22 25.12 -1.37
N LYS A 549 -50.27 26.30 -1.98
CA LYS A 549 -49.81 26.48 -3.35
C LYS A 549 -48.38 25.94 -3.37
N LYS A 550 -47.64 26.29 -2.33
CA LYS A 550 -46.27 25.85 -2.18
C LYS A 550 -46.19 24.82 -1.06
N ARG A 551 -45.73 23.62 -1.40
CA ARG A 551 -45.60 22.52 -0.44
C ARG A 551 -44.69 22.89 0.72
N THR A 552 -45.22 22.82 1.94
CA THR A 552 -44.42 23.13 3.13
C THR A 552 -44.76 22.25 4.32
N VAL A 553 -43.72 21.77 5.01
CA VAL A 553 -43.91 20.92 6.18
C VAL A 553 -42.88 21.24 7.26
N GLU A 554 -43.37 21.60 8.44
CA GLU A 554 -42.50 21.93 9.57
C GLU A 554 -42.76 20.94 10.70
N MET A 555 -41.72 20.63 11.48
CA MET A 555 -41.88 19.68 12.56
C MET A 555 -40.96 19.88 13.75
N HIS A 556 -41.37 19.34 14.88
CA HIS A 556 -40.61 19.42 16.13
C HIS A 556 -40.59 18.03 16.73
N ASN A 557 -39.62 17.76 17.59
CA ASN A 557 -39.53 16.46 18.22
C ASN A 557 -38.61 16.46 19.43
N LYS A 558 -38.99 15.70 20.44
CA LYS A 558 -38.20 15.57 21.66
C LYS A 558 -37.89 14.09 21.80
N ILE A 559 -36.73 13.80 22.36
CA ILE A 559 -36.27 12.43 22.56
C ILE A 559 -36.50 12.01 24.00
N TYR A 560 -36.96 10.78 24.19
CA TYR A 560 -37.21 10.26 25.53
C TYR A 560 -36.49 8.93 25.71
N ALA A 561 -36.08 8.68 26.96
CA ALA A 561 -35.39 7.46 27.30
C ALA A 561 -36.35 6.46 27.94
N ILE A 562 -36.00 5.19 27.87
CA ILE A 562 -36.80 4.14 28.45
C ILE A 562 -35.88 3.40 29.41
N PRO A 563 -36.07 3.61 30.73
CA PRO A 563 -35.23 2.94 31.73
C PRO A 563 -35.18 1.43 31.48
N ILE A 564 -33.97 0.87 31.49
CA ILE A 564 -33.82 -0.56 31.27
C ILE A 564 -34.83 -1.30 32.15
N GLU A 565 -34.97 -0.83 33.38
CA GLU A 565 -35.89 -1.41 34.33
C GLU A 565 -37.28 -1.52 33.73
N ILE A 566 -37.60 -0.59 32.83
CA ILE A 566 -38.90 -0.60 32.18
C ILE A 566 -38.83 -1.39 30.88
N MET A 567 -37.65 -1.38 30.24
CA MET A 567 -37.46 -2.12 29.00
C MET A 567 -37.70 -3.59 29.31
N GLN A 568 -37.24 -4.00 30.48
CA GLN A 568 -37.42 -5.37 30.95
C GLN A 568 -38.54 -5.34 31.97
N GLY A 569 -39.54 -4.50 31.70
CA GLY A 569 -40.67 -4.35 32.59
C GLY A 569 -41.79 -5.31 32.27
N THR A 570 -43.03 -4.87 32.44
CA THR A 570 -44.17 -5.73 32.20
C THR A 570 -45.03 -5.42 30.98
N GLY A 571 -44.51 -4.66 30.03
CA GLY A 571 -45.30 -4.37 28.86
C GLY A 571 -46.48 -3.47 29.17
N GLU A 572 -46.96 -3.55 30.39
CA GLU A 572 -48.08 -2.70 30.81
C GLU A 572 -47.44 -1.40 31.29
N GLU A 573 -46.23 -1.52 31.82
CA GLU A 573 -45.49 -0.38 32.30
C GLU A 573 -44.79 0.28 31.13
N LEU A 574 -44.33 -0.54 30.18
CA LEU A 574 -43.63 -0.03 29.01
C LEU A 574 -44.51 0.94 28.25
N PHE A 575 -45.73 0.51 27.95
CA PHE A 575 -46.64 1.37 27.20
C PHE A 575 -47.28 2.43 28.09
N ASP A 576 -47.17 2.25 29.39
CA ASP A 576 -47.70 3.23 30.32
C ASP A 576 -46.69 4.38 30.33
N HIS A 577 -45.42 4.02 30.27
CA HIS A 577 -44.32 4.97 30.25
C HIS A 577 -44.33 5.77 28.94
N ILE A 578 -44.50 5.07 27.84
CA ILE A 578 -44.53 5.72 26.54
C ILE A 578 -45.63 6.77 26.46
N VAL A 579 -46.83 6.41 26.91
CA VAL A 579 -47.95 7.37 26.88
C VAL A 579 -47.66 8.53 27.82
N SER A 580 -46.80 8.28 28.79
CA SER A 580 -46.42 9.31 29.75
C SER A 580 -45.57 10.34 29.02
N CYS A 581 -44.66 9.83 28.19
CA CYS A 581 -43.79 10.69 27.41
C CYS A 581 -44.61 11.48 26.41
N ILE A 582 -45.57 10.83 25.76
CA ILE A 582 -46.42 11.53 24.79
C ILE A 582 -47.22 12.62 25.52
N SER A 583 -47.64 12.33 26.75
CA SER A 583 -48.42 13.27 27.53
C SER A 583 -47.56 14.51 27.82
N ASP A 584 -46.27 14.27 27.99
CA ASP A 584 -45.33 15.35 28.26
C ASP A 584 -45.18 16.20 27.01
N PHE A 585 -44.85 15.54 25.91
CA PHE A 585 -44.66 16.23 24.65
C PHE A 585 -45.84 17.15 24.29
N LEU A 586 -47.06 16.65 24.38
CA LEU A 586 -48.21 17.47 24.03
C LEU A 586 -48.21 18.78 24.81
N ASP A 587 -47.75 18.74 26.05
CA ASP A 587 -47.69 19.94 26.86
C ASP A 587 -46.49 20.77 26.41
N TYR A 588 -45.40 20.08 26.08
CA TYR A 588 -44.17 20.70 25.60
C TYR A 588 -44.46 21.56 24.39
N MET A 589 -45.36 21.06 23.54
CA MET A 589 -45.74 21.76 22.32
C MET A 589 -46.95 22.65 22.57
N GLY A 590 -47.43 22.66 23.80
CA GLY A 590 -48.59 23.47 24.15
C GLY A 590 -49.84 23.13 23.36
N ILE A 591 -50.04 21.86 23.01
CA ILE A 591 -51.21 21.48 22.23
C ILE A 591 -52.14 20.43 22.84
N LYS A 592 -51.98 20.13 24.13
CA LYS A 592 -52.85 19.10 24.72
C LYS A 592 -54.31 19.50 24.67
N GLY A 593 -55.16 18.51 24.51
CA GLY A 593 -56.58 18.74 24.45
C GLY A 593 -57.27 17.88 23.40
N PRO A 594 -57.17 18.26 22.12
CA PRO A 594 -57.78 17.54 21.00
C PRO A 594 -57.33 16.11 20.76
N ARG A 595 -58.14 15.39 19.98
CA ARG A 595 -57.88 14.01 19.60
C ARG A 595 -57.10 14.07 18.29
N MET A 596 -55.78 13.99 18.39
CA MET A 596 -54.90 14.07 17.22
C MET A 596 -54.54 12.72 16.62
N PRO A 597 -54.22 12.70 15.31
CA PRO A 597 -53.85 11.47 14.60
C PRO A 597 -52.40 11.16 14.87
N LEU A 598 -52.08 9.87 14.96
CA LEU A 598 -50.72 9.46 15.26
C LEU A 598 -50.25 8.26 14.45
N GLY A 599 -49.04 8.37 13.91
CA GLY A 599 -48.44 7.30 13.15
C GLY A 599 -47.46 6.65 14.11
N PHE A 600 -47.39 5.33 14.10
CA PHE A 600 -46.53 4.60 15.04
C PHE A 600 -45.44 3.80 14.34
N THR A 601 -44.21 4.30 14.35
CA THR A 601 -43.10 3.59 13.73
C THR A 601 -42.58 2.62 14.79
N PHE A 602 -42.76 1.32 14.54
CA PHE A 602 -42.33 0.28 15.49
C PHE A 602 -41.20 -0.51 14.83
N SER A 603 -39.96 -0.16 15.16
CA SER A 603 -38.83 -0.81 14.55
C SER A 603 -38.34 -2.11 15.17
N PHE A 604 -39.26 -3.05 15.36
CA PHE A 604 -38.93 -4.36 15.93
C PHE A 604 -39.62 -5.39 15.01
N PRO A 605 -39.19 -6.66 15.08
CA PRO A 605 -39.78 -7.72 14.25
C PRO A 605 -41.30 -7.83 14.40
N CYS A 606 -42.03 -7.17 13.50
CA CYS A 606 -43.49 -7.15 13.54
C CYS A 606 -44.10 -7.77 12.28
N GLN A 607 -45.39 -8.09 12.36
CA GLN A 607 -46.14 -8.68 11.26
C GLN A 607 -47.43 -7.90 11.12
N GLN A 608 -47.57 -7.15 10.03
CA GLN A 608 -48.76 -6.34 9.85
C GLN A 608 -49.97 -7.12 9.35
N THR A 609 -51.08 -6.92 10.05
CA THR A 609 -52.34 -7.60 9.73
C THR A 609 -53.36 -6.57 9.27
N SER A 610 -52.96 -5.29 9.30
CA SER A 610 -53.80 -4.18 8.91
C SER A 610 -52.97 -2.91 9.05
N LEU A 611 -53.39 -1.81 8.45
CA LEU A 611 -52.61 -0.59 8.56
C LEU A 611 -52.36 -0.18 10.00
N ASP A 612 -53.35 -0.43 10.87
CA ASP A 612 -53.23 -0.04 12.27
C ASP A 612 -53.07 -1.19 13.25
N ALA A 613 -52.52 -2.30 12.78
CA ALA A 613 -52.33 -3.47 13.63
C ALA A 613 -51.06 -4.19 13.24
N GLY A 614 -50.27 -4.56 14.23
CA GLY A 614 -49.04 -5.27 13.95
C GLY A 614 -48.66 -6.10 15.15
N ILE A 615 -48.53 -7.41 14.94
CA ILE A 615 -48.18 -8.32 16.02
C ILE A 615 -46.67 -8.37 16.17
N LEU A 616 -46.20 -8.36 17.42
CA LEU A 616 -44.76 -8.43 17.67
C LEU A 616 -44.32 -9.88 17.66
N ILE A 617 -43.40 -10.23 16.75
CA ILE A 617 -42.93 -11.60 16.70
C ILE A 617 -41.76 -11.86 17.65
N THR A 618 -41.03 -10.82 18.02
CA THR A 618 -39.93 -11.02 18.96
C THR A 618 -39.24 -9.72 19.33
N TRP A 619 -38.85 -9.62 20.60
CA TRP A 619 -38.17 -8.43 21.11
C TRP A 619 -36.73 -8.47 20.65
N THR A 620 -36.12 -7.29 20.56
CA THR A 620 -34.73 -7.16 20.17
C THR A 620 -34.15 -5.92 20.84
N LYS A 621 -32.87 -5.67 20.62
CA LYS A 621 -32.22 -4.51 21.19
C LYS A 621 -32.39 -4.35 22.70
N GLY A 622 -32.41 -5.47 23.42
CA GLY A 622 -32.52 -5.41 24.87
C GLY A 622 -33.89 -5.34 25.52
N PHE A 623 -34.95 -5.22 24.73
CA PHE A 623 -36.29 -5.16 25.28
C PHE A 623 -36.71 -6.54 25.72
N LYS A 624 -37.36 -6.64 26.87
CA LYS A 624 -37.81 -7.93 27.38
C LYS A 624 -39.16 -7.77 28.02
N ALA A 625 -39.78 -6.62 27.81
CA ALA A 625 -41.09 -6.35 28.38
C ALA A 625 -41.97 -7.57 28.19
N THR A 626 -42.65 -7.97 29.26
CA THR A 626 -43.51 -9.14 29.22
C THR A 626 -44.91 -8.90 28.65
N ASP A 627 -45.48 -9.96 28.09
CA ASP A 627 -46.80 -9.93 27.50
C ASP A 627 -46.96 -8.91 26.40
N CYS A 628 -46.01 -8.91 25.47
CA CYS A 628 -46.05 -8.00 24.34
C CYS A 628 -45.93 -8.87 23.08
N VAL A 629 -45.00 -9.81 23.14
CA VAL A 629 -44.78 -10.73 22.03
C VAL A 629 -46.06 -11.50 21.70
N GLY A 630 -46.49 -11.44 20.46
CA GLY A 630 -47.71 -12.15 20.09
C GLY A 630 -48.91 -11.24 20.21
N HIS A 631 -48.76 -10.14 20.93
CA HIS A 631 -49.87 -9.20 21.07
C HIS A 631 -49.73 -8.12 20.00
N ASP A 632 -50.82 -7.40 19.76
CA ASP A 632 -50.81 -6.33 18.77
C ASP A 632 -50.38 -5.04 19.44
N VAL A 633 -49.18 -4.59 19.12
CA VAL A 633 -48.61 -3.38 19.70
C VAL A 633 -49.55 -2.17 19.70
N VAL A 634 -50.29 -1.95 18.61
CA VAL A 634 -51.20 -0.80 18.57
C VAL A 634 -52.28 -0.91 19.65
N THR A 635 -52.71 -2.14 19.97
CA THR A 635 -53.71 -2.30 21.01
C THR A 635 -53.06 -2.04 22.36
N LEU A 636 -51.83 -2.50 22.54
CA LEU A 636 -51.15 -2.27 23.80
C LEU A 636 -51.08 -0.76 24.04
N LEU A 637 -50.83 0.01 22.97
CA LEU A 637 -50.73 1.46 23.08
C LEU A 637 -52.09 2.10 23.35
N ARG A 638 -53.09 1.70 22.58
CA ARG A 638 -54.43 2.23 22.78
C ARG A 638 -54.91 1.92 24.20
N ASP A 639 -54.56 0.74 24.69
CA ASP A 639 -54.96 0.36 26.03
C ASP A 639 -54.29 1.23 27.08
N ALA A 640 -53.03 1.59 26.85
CA ALA A 640 -52.32 2.43 27.81
C ALA A 640 -52.86 3.85 27.78
N ILE A 641 -53.24 4.32 26.60
CA ILE A 641 -53.76 5.68 26.47
C ILE A 641 -55.03 5.82 27.30
N LYS A 642 -55.94 4.87 27.12
CA LYS A 642 -57.22 4.85 27.82
C LYS A 642 -57.06 4.70 29.32
N ARG A 643 -56.02 3.98 29.72
CA ARG A 643 -55.72 3.76 31.14
C ARG A 643 -55.45 5.09 31.83
N ARG A 644 -54.91 6.04 31.08
CA ARG A 644 -54.56 7.37 31.61
C ARG A 644 -55.77 8.30 31.68
N GLU A 645 -56.63 8.21 30.67
CA GLU A 645 -57.83 9.03 30.61
C GLU A 645 -57.59 10.53 30.61
N GLU A 646 -56.33 10.92 30.41
CA GLU A 646 -55.98 12.32 30.38
C GLU A 646 -56.30 12.93 29.01
N PHE A 647 -56.13 12.13 27.96
CA PHE A 647 -56.39 12.56 26.58
C PHE A 647 -56.63 11.34 25.69
N ASP A 648 -56.99 11.60 24.44
CA ASP A 648 -57.27 10.53 23.49
C ASP A 648 -56.59 10.81 22.14
N LEU A 649 -56.11 9.74 21.50
CA LEU A 649 -55.45 9.86 20.21
C LEU A 649 -56.10 8.92 19.24
N ASP A 650 -55.85 9.15 17.96
CA ASP A 650 -56.42 8.31 16.91
C ASP A 650 -55.30 7.59 16.18
N VAL A 651 -54.75 6.54 16.78
CA VAL A 651 -53.66 5.81 16.13
C VAL A 651 -54.09 5.33 14.75
N VAL A 652 -53.65 6.05 13.73
CA VAL A 652 -54.01 5.73 12.36
C VAL A 652 -53.13 4.67 11.70
N ALA A 653 -51.93 4.44 12.22
CA ALA A 653 -51.07 3.46 11.58
C ALA A 653 -49.83 3.03 12.33
N VAL A 654 -49.38 1.82 12.02
CA VAL A 654 -48.15 1.29 12.56
C VAL A 654 -47.21 1.25 11.36
N VAL A 655 -46.01 1.79 11.52
CA VAL A 655 -45.10 1.95 10.41
C VAL A 655 -43.72 1.29 10.43
N ASN A 656 -43.27 0.89 9.25
CA ASN A 656 -41.95 0.31 9.06
C ASN A 656 -41.10 1.47 8.51
N ASP A 657 -39.94 1.73 9.12
CA ASP A 657 -39.10 2.85 8.70
C ASP A 657 -38.69 2.84 7.23
N THR A 658 -38.62 1.67 6.61
CA THR A 658 -38.25 1.60 5.21
C THR A 658 -39.38 2.16 4.38
N VAL A 659 -40.59 1.75 4.73
CA VAL A 659 -41.78 2.24 4.04
C VAL A 659 -41.88 3.75 4.28
N GLY A 660 -41.52 4.17 5.48
CA GLY A 660 -41.56 5.57 5.79
C GLY A 660 -40.58 6.35 4.93
N THR A 661 -39.45 5.71 4.62
CA THR A 661 -38.42 6.35 3.80
C THR A 661 -38.89 6.59 2.37
N MET A 662 -39.66 5.66 1.82
CA MET A 662 -40.14 5.86 0.47
C MET A 662 -41.19 6.97 0.46
N MET A 663 -42.15 6.88 1.37
CA MET A 663 -43.21 7.88 1.48
C MET A 663 -42.59 9.27 1.57
N THR A 664 -41.63 9.43 2.47
CA THR A 664 -40.93 10.69 2.64
C THR A 664 -40.37 11.20 1.31
N CYS A 665 -39.86 10.27 0.50
CA CYS A 665 -39.30 10.62 -0.79
C CYS A 665 -40.37 10.90 -1.82
N ALA A 666 -41.39 10.05 -1.89
CA ALA A 666 -42.48 10.23 -2.83
C ALA A 666 -43.11 11.62 -2.69
N TYR A 667 -43.23 12.08 -1.45
CA TYR A 667 -43.81 13.38 -1.19
C TYR A 667 -43.27 14.46 -2.12
N GLU A 668 -41.97 14.42 -2.39
CA GLU A 668 -41.33 15.40 -3.25
C GLU A 668 -41.17 14.89 -4.68
N GLU A 669 -40.57 13.72 -4.81
CA GLU A 669 -40.33 13.08 -6.10
C GLU A 669 -41.42 12.04 -6.34
N PRO A 670 -42.44 12.39 -7.12
CA PRO A 670 -43.60 11.54 -7.48
C PRO A 670 -43.32 10.24 -8.21
N THR A 671 -42.13 10.11 -8.78
CA THR A 671 -41.79 8.89 -9.51
C THR A 671 -41.20 7.86 -8.57
N CYS A 672 -41.20 8.17 -7.28
CA CYS A 672 -40.65 7.28 -6.29
C CYS A 672 -41.66 6.22 -5.85
N GLU A 673 -41.28 4.95 -5.98
CA GLU A 673 -42.14 3.83 -5.58
C GLU A 673 -41.31 2.70 -4.96
N VAL A 674 -40.09 3.04 -4.57
CA VAL A 674 -39.17 2.09 -3.97
C VAL A 674 -38.37 2.77 -2.88
N GLY A 675 -38.30 2.16 -1.72
CA GLY A 675 -37.52 2.71 -0.63
C GLY A 675 -36.42 1.72 -0.33
N LEU A 676 -35.28 2.19 0.18
CA LEU A 676 -34.19 1.27 0.48
C LEU A 676 -33.40 1.76 1.68
N ILE A 677 -33.07 0.84 2.56
CA ILE A 677 -32.30 1.19 3.73
C ILE A 677 -31.01 0.36 3.75
N VAL A 678 -29.87 1.04 3.85
CA VAL A 678 -28.58 0.38 3.94
C VAL A 678 -27.82 1.06 5.07
N GLY A 679 -27.89 0.46 6.25
CA GLY A 679 -27.22 1.01 7.41
C GLY A 679 -26.75 -0.16 8.24
N THR A 680 -27.18 -0.24 9.50
CA THR A 680 -26.77 -1.36 10.33
C THR A 680 -27.46 -2.58 9.76
N GLY A 681 -28.68 -2.38 9.28
CA GLY A 681 -29.43 -3.46 8.68
C GLY A 681 -29.81 -3.01 7.28
N SER A 682 -30.54 -3.83 6.55
CA SER A 682 -30.96 -3.45 5.22
C SER A 682 -32.33 -4.02 4.88
N ASN A 683 -33.14 -3.24 4.18
CA ASN A 683 -34.47 -3.65 3.76
C ASN A 683 -34.86 -2.78 2.58
N ALA A 684 -35.93 -3.17 1.89
CA ALA A 684 -36.40 -2.44 0.73
C ALA A 684 -37.89 -2.68 0.55
N CYS A 685 -38.57 -1.70 -0.04
CA CYS A 685 -40.00 -1.80 -0.29
C CYS A 685 -40.31 -1.21 -1.66
N TYR A 686 -41.49 -1.52 -2.20
CA TYR A 686 -41.87 -1.01 -3.50
C TYR A 686 -43.37 -1.21 -3.71
N MET A 687 -43.96 -0.36 -4.54
CA MET A 687 -45.39 -0.45 -4.83
C MET A 687 -45.72 -1.66 -5.73
N GLU A 688 -46.50 -2.59 -5.19
CA GLU A 688 -46.86 -3.80 -5.92
C GLU A 688 -48.30 -3.72 -6.39
N GLU A 689 -48.65 -4.53 -7.39
CA GLU A 689 -50.01 -4.55 -7.94
C GLU A 689 -50.86 -5.47 -7.07
N MET A 690 -51.99 -4.96 -6.61
CA MET A 690 -52.87 -5.74 -5.76
C MET A 690 -53.20 -7.10 -6.34
N LYS A 691 -53.39 -7.19 -7.65
CA LYS A 691 -53.71 -8.49 -8.25
C LYS A 691 -52.64 -9.51 -7.91
N ASN A 692 -51.44 -9.02 -7.59
CA ASN A 692 -50.31 -9.88 -7.26
C ASN A 692 -50.18 -10.21 -5.77
N VAL A 693 -50.70 -9.35 -4.91
CA VAL A 693 -50.64 -9.57 -3.46
C VAL A 693 -51.68 -10.61 -3.08
N GLU A 694 -51.42 -11.88 -3.38
CA GLU A 694 -52.37 -12.94 -3.09
C GLU A 694 -52.78 -13.04 -1.62
N MET A 695 -52.03 -12.40 -0.73
CA MET A 695 -52.34 -12.47 0.69
C MET A 695 -53.43 -11.49 1.15
N VAL A 696 -53.77 -10.53 0.32
CA VAL A 696 -54.79 -9.55 0.68
C VAL A 696 -55.88 -9.46 -0.38
N GLU A 697 -57.13 -9.67 0.02
CA GLU A 697 -58.27 -9.63 -0.90
C GLU A 697 -58.43 -8.31 -1.63
N GLY A 698 -58.63 -8.38 -2.93
CA GLY A 698 -58.79 -7.18 -3.73
C GLY A 698 -57.74 -7.12 -4.82
N ASP A 699 -58.17 -7.14 -6.07
CA ASP A 699 -57.27 -7.10 -7.21
C ASP A 699 -57.16 -5.69 -7.78
N GLN A 700 -57.77 -4.74 -7.09
CA GLN A 700 -57.77 -3.36 -7.54
C GLN A 700 -56.83 -2.50 -6.72
N GLY A 701 -56.13 -1.60 -7.39
CA GLY A 701 -55.22 -0.70 -6.70
C GLY A 701 -53.83 -1.27 -6.51
N GLN A 702 -53.07 -0.66 -5.61
CA GLN A 702 -51.71 -1.09 -5.33
C GLN A 702 -51.52 -1.31 -3.84
N MET A 703 -50.32 -1.79 -3.49
CA MET A 703 -49.98 -2.06 -2.10
C MET A 703 -48.47 -2.05 -1.93
N CYS A 704 -47.99 -1.17 -1.05
CA CYS A 704 -46.56 -1.10 -0.80
C CYS A 704 -46.17 -2.34 -0.02
N ILE A 705 -45.23 -3.09 -0.58
CA ILE A 705 -44.77 -4.32 0.05
C ILE A 705 -43.47 -4.10 0.82
N ASN A 706 -43.41 -4.69 2.01
CA ASN A 706 -42.21 -4.61 2.86
C ASN A 706 -41.54 -5.99 2.71
N MET A 707 -40.56 -6.05 1.82
CA MET A 707 -39.87 -7.30 1.52
C MET A 707 -39.19 -8.04 2.65
N GLU A 708 -38.48 -7.32 3.50
CA GLU A 708 -37.72 -7.97 4.57
C GLU A 708 -36.71 -8.84 3.82
N TRP A 709 -36.16 -8.29 2.75
CA TRP A 709 -35.23 -9.00 1.89
C TRP A 709 -33.92 -9.46 2.51
N GLY A 710 -33.67 -9.09 3.76
CA GLY A 710 -32.42 -9.51 4.38
C GLY A 710 -32.33 -11.02 4.54
N ALA A 711 -33.48 -11.70 4.51
CA ALA A 711 -33.52 -13.16 4.68
C ALA A 711 -33.24 -13.90 3.39
N PHE A 712 -33.05 -13.14 2.32
CA PHE A 712 -32.74 -13.72 1.00
C PHE A 712 -31.47 -14.56 1.19
N GLY A 713 -31.52 -15.82 0.76
CA GLY A 713 -30.35 -16.67 0.88
C GLY A 713 -30.40 -17.53 2.13
N ASP A 714 -31.42 -17.30 2.96
CA ASP A 714 -31.58 -18.08 4.19
C ASP A 714 -31.96 -19.53 3.94
N ASN A 715 -32.23 -19.87 2.68
CA ASN A 715 -32.58 -21.24 2.31
C ASN A 715 -31.47 -21.82 1.46
N GLY A 716 -30.30 -21.19 1.53
CA GLY A 716 -29.14 -21.65 0.79
C GLY A 716 -28.96 -21.18 -0.63
N CYS A 717 -29.89 -20.41 -1.18
CA CYS A 717 -29.79 -19.96 -2.57
C CYS A 717 -28.63 -19.01 -2.91
N LEU A 718 -27.85 -18.62 -1.92
CA LEU A 718 -26.72 -17.72 -2.17
C LEU A 718 -25.47 -18.47 -1.77
N ASP A 719 -25.67 -19.69 -1.29
CA ASP A 719 -24.59 -20.55 -0.82
C ASP A 719 -23.48 -20.80 -1.81
N ASP A 720 -23.69 -20.49 -3.08
CA ASP A 720 -22.65 -20.71 -4.07
C ASP A 720 -21.80 -19.45 -4.28
N ILE A 721 -22.27 -18.30 -3.77
CA ILE A 721 -21.50 -17.07 -3.91
C ILE A 721 -20.94 -16.61 -2.57
N ARG A 722 -21.28 -17.32 -1.50
CA ARG A 722 -20.80 -16.95 -0.18
C ARG A 722 -19.42 -17.57 0.04
N THR A 723 -18.56 -16.86 0.75
CA THR A 723 -17.20 -17.34 0.98
C THR A 723 -16.99 -17.97 2.34
N HIS A 724 -15.75 -18.38 2.57
CA HIS A 724 -15.38 -19.00 3.81
C HIS A 724 -15.54 -17.98 4.93
N TYR A 725 -15.25 -16.71 4.63
CA TYR A 725 -15.36 -15.66 5.63
C TYR A 725 -16.79 -15.26 5.85
N ASP A 726 -17.62 -15.45 4.83
CA ASP A 726 -19.04 -15.14 4.93
C ASP A 726 -19.63 -16.17 5.89
N ARG A 727 -19.20 -17.42 5.73
CA ARG A 727 -19.65 -18.50 6.59
C ARG A 727 -19.18 -18.29 8.05
N LEU A 728 -17.93 -17.94 8.25
CA LEU A 728 -17.44 -17.70 9.61
C LEU A 728 -18.30 -16.64 10.30
N VAL A 729 -18.50 -15.52 9.61
CA VAL A 729 -19.29 -14.43 10.15
C VAL A 729 -20.67 -14.93 10.55
N ASN A 730 -21.24 -15.82 9.76
CA ASN A 730 -22.55 -16.37 10.08
C ASN A 730 -22.42 -17.29 11.31
N GLU A 731 -21.48 -18.23 11.23
CA GLU A 731 -21.23 -19.17 12.31
C GLU A 731 -21.12 -18.47 13.64
N TYR A 732 -20.40 -17.36 13.68
CA TYR A 732 -20.23 -16.65 14.92
C TYR A 732 -21.25 -15.56 15.20
N SER A 733 -22.24 -15.41 14.32
CA SER A 733 -23.27 -14.40 14.51
C SER A 733 -24.31 -14.86 15.53
N LEU A 734 -25.08 -13.93 16.07
CA LEU A 734 -26.10 -14.27 17.05
C LEU A 734 -27.30 -15.01 16.44
N ASN A 735 -27.52 -14.81 15.15
CA ASN A 735 -28.62 -15.42 14.44
C ASN A 735 -28.14 -16.33 13.33
N ALA A 736 -27.24 -17.25 13.68
CA ALA A 736 -26.68 -18.17 12.71
C ALA A 736 -27.72 -18.72 11.74
N GLY A 737 -27.36 -18.82 10.47
CA GLY A 737 -28.28 -19.34 9.47
C GLY A 737 -29.36 -18.40 9.00
N LYS A 738 -29.49 -17.24 9.65
CA LYS A 738 -30.50 -16.27 9.27
C LYS A 738 -29.88 -14.96 8.78
N GLN A 739 -30.62 -14.24 7.96
CA GLN A 739 -30.19 -12.96 7.42
C GLN A 739 -28.90 -13.05 6.62
N ARG A 740 -28.75 -14.12 5.84
CA ARG A 740 -27.55 -14.34 5.03
C ARG A 740 -27.26 -13.19 4.08
N TYR A 741 -28.28 -12.70 3.37
CA TYR A 741 -28.12 -11.59 2.43
C TYR A 741 -27.72 -10.31 3.13
N GLU A 742 -28.46 -9.96 4.18
CA GLU A 742 -28.18 -8.76 4.95
C GLU A 742 -26.80 -8.79 5.55
N LYS A 743 -26.22 -10.00 5.66
CA LYS A 743 -24.90 -10.19 6.25
C LYS A 743 -23.75 -9.91 5.28
N MET A 744 -24.06 -9.85 3.99
CA MET A 744 -23.04 -9.59 2.97
C MET A 744 -23.22 -8.15 2.49
N ILE A 745 -24.14 -7.42 3.10
CA ILE A 745 -24.45 -6.08 2.64
C ILE A 745 -24.60 -4.98 3.69
N SER A 746 -25.03 -5.35 4.90
CA SER A 746 -25.24 -4.37 5.97
C SER A 746 -23.96 -3.92 6.64
N GLY A 747 -24.00 -2.70 7.15
CA GLY A 747 -22.82 -2.13 7.80
C GLY A 747 -22.50 -2.80 9.11
N MET A 748 -23.39 -3.66 9.57
CA MET A 748 -23.20 -4.33 10.84
C MET A 748 -22.27 -5.54 10.70
N TYR A 749 -22.13 -6.04 9.49
CA TYR A 749 -21.29 -7.20 9.26
C TYR A 749 -20.06 -6.96 8.37
N LEU A 750 -20.16 -6.01 7.43
CA LEU A 750 -19.03 -5.75 6.54
C LEU A 750 -17.70 -5.74 7.28
N GLY A 751 -17.62 -5.01 8.38
CA GLY A 751 -16.39 -4.97 9.14
C GLY A 751 -15.94 -6.33 9.63
N GLU A 752 -16.91 -7.19 9.99
CA GLU A 752 -16.64 -8.54 10.49
C GLU A 752 -16.11 -9.48 9.42
N ILE A 753 -16.50 -9.25 8.17
CA ILE A 753 -15.99 -10.07 7.09
C ILE A 753 -14.54 -9.63 6.97
N VAL A 754 -14.35 -8.31 7.01
CA VAL A 754 -13.03 -7.70 6.90
C VAL A 754 -12.13 -8.16 8.00
N ARG A 755 -12.58 -8.01 9.24
CA ARG A 755 -11.79 -8.40 10.39
C ARG A 755 -11.40 -9.88 10.32
N ASN A 756 -12.31 -10.72 9.86
CA ASN A 756 -12.01 -12.14 9.78
C ASN A 756 -11.00 -12.48 8.70
N ILE A 757 -10.86 -11.61 7.71
CA ILE A 757 -9.88 -11.81 6.66
C ILE A 757 -8.51 -11.41 7.21
N LEU A 758 -8.48 -10.27 7.88
CA LEU A 758 -7.25 -9.76 8.47
C LEU A 758 -6.64 -10.80 9.42
N ILE A 759 -7.47 -11.36 10.29
CA ILE A 759 -6.99 -12.35 11.25
C ILE A 759 -6.29 -13.44 10.45
N ASP A 760 -6.97 -13.91 9.41
CA ASP A 760 -6.44 -14.96 8.56
C ASP A 760 -5.08 -14.55 8.02
N PHE A 761 -5.01 -13.38 7.39
CA PHE A 761 -3.76 -12.89 6.82
C PHE A 761 -2.70 -12.74 7.91
N THR A 762 -3.11 -12.30 9.10
CA THR A 762 -2.17 -12.14 10.20
C THR A 762 -1.54 -13.48 10.52
N LYS A 763 -2.35 -14.54 10.53
CA LYS A 763 -1.87 -15.87 10.82
C LYS A 763 -0.88 -16.32 9.75
N LYS A 764 -1.24 -16.10 8.48
CA LYS A 764 -0.34 -16.46 7.40
C LYS A 764 0.88 -15.55 7.47
N GLY A 765 0.82 -14.56 8.36
CA GLY A 765 1.91 -13.62 8.54
C GLY A 765 2.10 -12.57 7.46
N PHE A 766 1.02 -12.01 6.95
CA PHE A 766 1.12 -10.97 5.93
C PHE A 766 0.80 -9.61 6.55
N LEU A 767 0.41 -9.60 7.82
CA LEU A 767 0.03 -8.37 8.51
C LEU A 767 0.46 -8.34 9.97
N PHE A 768 0.60 -7.15 10.52
CA PHE A 768 0.98 -6.94 11.92
C PHE A 768 2.04 -7.91 12.45
N ARG A 769 2.99 -8.26 11.60
CA ARG A 769 4.07 -9.17 11.96
C ARG A 769 3.56 -10.55 12.42
N GLY A 770 2.44 -10.97 11.84
CA GLY A 770 1.86 -12.25 12.19
C GLY A 770 1.29 -12.29 13.59
N GLN A 771 1.38 -11.17 14.30
CA GLN A 771 0.87 -11.12 15.67
C GLN A 771 -0.60 -10.72 15.73
N ILE A 772 -1.43 -11.64 16.22
CA ILE A 772 -2.87 -11.42 16.35
C ILE A 772 -3.16 -10.57 17.59
N SER A 773 -3.57 -9.33 17.37
CA SER A 773 -3.88 -8.41 18.45
C SER A 773 -5.16 -8.76 19.19
N GLU A 774 -5.28 -8.27 20.42
CA GLU A 774 -6.47 -8.49 21.23
C GLU A 774 -7.60 -7.65 20.63
N THR A 775 -7.20 -6.51 20.07
CA THR A 775 -8.13 -5.58 19.44
C THR A 775 -8.65 -6.22 18.15
N LEU A 776 -7.82 -7.04 17.54
CA LEU A 776 -8.17 -7.73 16.31
C LEU A 776 -9.15 -8.84 16.61
N LYS A 777 -9.18 -9.25 17.89
CA LYS A 777 -10.04 -10.32 18.35
C LYS A 777 -11.39 -9.80 18.79
N THR A 778 -11.50 -8.49 18.96
CA THR A 778 -12.74 -7.85 19.38
C THR A 778 -13.69 -7.69 18.21
N ARG A 779 -14.93 -8.12 18.38
CA ARG A 779 -15.90 -8.02 17.31
C ARG A 779 -16.53 -6.64 17.25
N GLY A 780 -16.85 -6.21 16.03
CA GLY A 780 -17.45 -4.90 15.84
C GLY A 780 -16.47 -3.77 16.00
N ILE A 781 -15.18 -4.07 15.87
CA ILE A 781 -14.16 -3.05 16.02
C ILE A 781 -14.15 -2.12 14.81
N PHE A 782 -14.55 -2.64 13.66
CA PHE A 782 -14.58 -1.88 12.41
C PHE A 782 -15.98 -1.33 12.09
N GLU A 783 -16.40 -0.28 12.79
CA GLU A 783 -17.72 0.31 12.53
C GLU A 783 -17.80 0.95 11.15
N THR A 784 -19.01 1.16 10.67
CA THR A 784 -19.27 1.76 9.36
C THR A 784 -18.56 3.11 9.21
N LYS A 785 -18.50 3.86 10.30
CA LYS A 785 -17.85 5.17 10.30
C LYS A 785 -16.38 5.02 9.93
N PHE A 786 -15.68 4.12 10.63
CA PHE A 786 -14.27 3.89 10.37
C PHE A 786 -14.04 3.16 9.06
N LEU A 787 -15.05 2.45 8.58
CA LEU A 787 -14.95 1.73 7.33
C LEU A 787 -15.03 2.75 6.21
N SER A 788 -15.86 3.76 6.42
CA SER A 788 -16.05 4.82 5.44
C SER A 788 -14.83 5.73 5.34
N GLN A 789 -14.07 5.84 6.43
CA GLN A 789 -12.88 6.69 6.45
C GLN A 789 -11.70 6.06 5.71
N ILE A 790 -11.28 4.88 6.18
CA ILE A 790 -10.16 4.15 5.58
C ILE A 790 -10.20 4.13 4.05
N GLU A 791 -11.41 4.08 3.49
CA GLU A 791 -11.57 4.06 2.03
C GLU A 791 -11.72 5.46 1.43
N SER A 792 -11.59 6.49 2.24
CA SER A 792 -11.74 7.86 1.78
C SER A 792 -10.68 8.29 0.79
N ASP A 793 -11.12 8.99 -0.26
CA ASP A 793 -10.23 9.51 -1.30
C ASP A 793 -9.39 10.65 -0.75
N ARG A 794 -9.96 11.40 0.18
CA ARG A 794 -9.28 12.55 0.76
C ARG A 794 -8.34 12.21 1.91
N LEU A 795 -8.08 10.92 2.13
CA LEU A 795 -7.20 10.52 3.22
C LEU A 795 -5.84 10.04 2.75
N ALA A 796 -4.80 10.45 3.46
CA ALA A 796 -3.43 10.07 3.14
C ALA A 796 -3.13 8.78 3.89
N LEU A 797 -2.30 7.92 3.30
CA LEU A 797 -1.95 6.67 3.94
C LEU A 797 -1.42 6.84 5.35
N LEU A 798 -0.79 7.98 5.62
CA LEU A 798 -0.23 8.21 6.95
C LEU A 798 -1.32 8.51 7.96
N GLN A 799 -2.47 8.92 7.44
CA GLN A 799 -3.62 9.20 8.27
C GLN A 799 -4.35 7.88 8.49
N VAL A 800 -4.56 7.12 7.41
CA VAL A 800 -5.20 5.81 7.50
C VAL A 800 -4.48 4.98 8.57
N ARG A 801 -3.15 5.02 8.52
CA ARG A 801 -2.32 4.31 9.48
C ARG A 801 -2.56 4.83 10.88
N ALA A 802 -2.76 6.13 11.00
CA ALA A 802 -3.01 6.75 12.30
C ALA A 802 -4.35 6.26 12.84
N ILE A 803 -5.35 6.23 11.96
CA ILE A 803 -6.68 5.76 12.32
C ILE A 803 -6.59 4.34 12.89
N LEU A 804 -5.95 3.44 12.15
CA LEU A 804 -5.80 2.06 12.60
C LEU A 804 -5.13 2.02 13.96
N GLN A 805 -3.99 2.69 14.08
CA GLN A 805 -3.27 2.69 15.34
C GLN A 805 -4.15 3.29 16.42
N GLN A 806 -5.07 4.15 16.01
CA GLN A 806 -5.96 4.78 16.95
C GLN A 806 -7.02 3.80 17.44
N LEU A 807 -7.31 2.79 16.62
CA LEU A 807 -8.28 1.77 16.99
C LEU A 807 -7.61 0.88 18.03
N GLY A 808 -6.31 0.67 17.86
CA GLY A 808 -5.56 -0.15 18.78
C GLY A 808 -4.74 -1.16 18.00
N LEU A 809 -4.57 -0.91 16.71
CA LEU A 809 -3.81 -1.80 15.86
C LEU A 809 -2.44 -1.23 15.53
N ASN A 810 -1.39 -1.95 15.93
CA ASN A 810 -0.02 -1.52 15.67
C ASN A 810 0.25 -1.73 14.19
N SER A 811 -0.40 -0.95 13.36
CA SER A 811 -0.24 -1.09 11.92
C SER A 811 0.89 -0.21 11.42
N THR A 812 1.45 -0.58 10.27
CA THR A 812 2.52 0.17 9.64
C THR A 812 1.97 0.70 8.32
N CYS A 813 2.72 1.57 7.68
CA CYS A 813 2.29 2.13 6.40
C CYS A 813 1.92 0.99 5.45
N ASP A 814 2.66 -0.11 5.55
CA ASP A 814 2.43 -1.28 4.69
C ASP A 814 1.16 -2.02 5.06
N ASP A 815 0.94 -2.22 6.36
CA ASP A 815 -0.26 -2.87 6.85
C ASP A 815 -1.44 -2.08 6.29
N SER A 816 -1.40 -0.78 6.51
CA SER A 816 -2.43 0.14 6.07
C SER A 816 -2.82 -0.07 4.61
N ILE A 817 -1.84 -0.24 3.74
CA ILE A 817 -2.14 -0.41 2.34
C ILE A 817 -2.98 -1.67 2.17
N LEU A 818 -2.67 -2.68 2.98
CA LEU A 818 -3.37 -3.96 2.91
C LEU A 818 -4.81 -3.85 3.42
N VAL A 819 -4.97 -3.40 4.65
CA VAL A 819 -6.29 -3.26 5.25
C VAL A 819 -7.23 -2.47 4.34
N LYS A 820 -6.73 -1.42 3.71
CA LYS A 820 -7.56 -0.61 2.82
C LYS A 820 -8.04 -1.41 1.62
N THR A 821 -7.20 -2.28 1.09
CA THR A 821 -7.55 -3.10 -0.06
C THR A 821 -8.66 -4.08 0.30
N VAL A 822 -8.50 -4.77 1.43
CA VAL A 822 -9.51 -5.72 1.89
C VAL A 822 -10.86 -5.01 1.98
N CYS A 823 -10.90 -3.96 2.79
CA CYS A 823 -12.11 -3.17 2.97
C CYS A 823 -12.73 -2.92 1.61
N GLY A 824 -11.91 -2.42 0.70
CA GLY A 824 -12.39 -2.10 -0.63
C GLY A 824 -13.03 -3.27 -1.33
N VAL A 825 -12.42 -4.44 -1.22
CA VAL A 825 -12.95 -5.61 -1.86
C VAL A 825 -14.33 -5.97 -1.31
N VAL A 826 -14.44 -5.92 0.01
CA VAL A 826 -15.67 -6.26 0.69
C VAL A 826 -16.82 -5.29 0.44
N SER A 827 -16.55 -3.99 0.51
CA SER A 827 -17.57 -2.96 0.31
C SER A 827 -18.04 -2.85 -1.14
N ARG A 828 -17.21 -3.28 -2.08
CA ARG A 828 -17.60 -3.22 -3.48
C ARG A 828 -18.66 -4.29 -3.71
N ARG A 829 -18.38 -5.51 -3.26
CA ARG A 829 -19.30 -6.64 -3.42
C ARG A 829 -20.63 -6.34 -2.76
N ALA A 830 -20.56 -5.65 -1.62
CA ALA A 830 -21.74 -5.26 -0.88
C ALA A 830 -22.64 -4.40 -1.76
N ALA A 831 -22.06 -3.35 -2.34
CA ALA A 831 -22.81 -2.46 -3.22
C ALA A 831 -23.37 -3.22 -4.43
N GLN A 832 -22.56 -4.10 -5.01
CA GLN A 832 -22.99 -4.88 -6.16
C GLN A 832 -24.12 -5.84 -5.84
N LEU A 833 -23.94 -6.60 -4.76
CA LEU A 833 -24.96 -7.55 -4.32
C LEU A 833 -26.22 -6.79 -4.00
N CYS A 834 -26.06 -5.55 -3.53
CA CYS A 834 -27.21 -4.71 -3.21
C CYS A 834 -27.86 -4.30 -4.53
N GLY A 835 -27.03 -3.97 -5.52
CA GLY A 835 -27.52 -3.57 -6.83
C GLY A 835 -28.32 -4.66 -7.52
N ALA A 836 -27.80 -5.89 -7.51
CA ALA A 836 -28.49 -7.02 -8.12
C ALA A 836 -29.87 -7.14 -7.48
N GLY A 837 -29.94 -6.89 -6.18
CA GLY A 837 -31.21 -6.96 -5.49
C GLY A 837 -32.12 -5.86 -5.98
N MET A 838 -31.68 -4.61 -5.84
CA MET A 838 -32.46 -3.47 -6.27
C MET A 838 -32.86 -3.62 -7.73
N ALA A 839 -31.96 -4.19 -8.52
CA ALA A 839 -32.18 -4.39 -9.95
C ALA A 839 -33.37 -5.29 -10.23
N ALA A 840 -33.65 -6.21 -9.32
CA ALA A 840 -34.77 -7.13 -9.50
C ALA A 840 -36.12 -6.45 -9.25
N VAL A 841 -36.14 -5.54 -8.27
CA VAL A 841 -37.36 -4.85 -7.91
C VAL A 841 -37.86 -3.94 -9.03
N VAL A 842 -37.01 -3.02 -9.49
CA VAL A 842 -37.38 -2.10 -10.56
C VAL A 842 -37.88 -2.83 -11.79
N ASP A 843 -37.19 -3.91 -12.19
CA ASP A 843 -37.62 -4.65 -13.36
C ASP A 843 -38.95 -5.33 -13.13
N LYS A 844 -39.18 -5.82 -11.92
CA LYS A 844 -40.45 -6.47 -11.63
C LYS A 844 -41.56 -5.44 -11.75
N ILE A 845 -41.29 -4.21 -11.31
CA ILE A 845 -42.27 -3.13 -11.39
C ILE A 845 -42.53 -2.80 -12.86
N ARG A 846 -41.46 -2.70 -13.64
CA ARG A 846 -41.59 -2.42 -15.06
C ARG A 846 -42.48 -3.49 -15.68
N GLU A 847 -42.05 -4.74 -15.58
CA GLU A 847 -42.80 -5.86 -16.12
C GLU A 847 -44.19 -6.00 -15.50
N ASN A 848 -44.33 -5.58 -14.25
CA ASN A 848 -45.62 -5.68 -13.58
C ASN A 848 -46.62 -4.83 -14.35
N ARG A 849 -46.17 -3.66 -14.79
CA ARG A 849 -47.02 -2.74 -15.51
C ARG A 849 -46.88 -2.91 -17.02
N GLY A 850 -46.29 -4.03 -17.43
CA GLY A 850 -46.12 -4.31 -18.85
C GLY A 850 -45.50 -3.20 -19.66
N LEU A 851 -44.36 -2.67 -19.20
CA LEU A 851 -43.68 -1.59 -19.91
C LEU A 851 -42.35 -2.09 -20.48
N ASP A 852 -41.75 -1.27 -21.34
CA ASP A 852 -40.47 -1.64 -21.95
C ASP A 852 -39.44 -0.60 -21.59
N ARG A 853 -39.86 0.36 -20.77
CA ARG A 853 -38.99 1.44 -20.30
C ARG A 853 -39.67 2.00 -19.06
N LEU A 854 -38.91 2.08 -17.97
CA LEU A 854 -39.46 2.59 -16.72
C LEU A 854 -38.57 3.61 -16.03
N ASN A 855 -39.16 4.72 -15.63
CA ASN A 855 -38.41 5.75 -14.92
C ASN A 855 -38.96 5.76 -13.51
N VAL A 856 -38.13 5.35 -12.57
CA VAL A 856 -38.56 5.29 -11.18
C VAL A 856 -37.47 5.84 -10.29
N THR A 857 -37.87 6.53 -9.23
CA THR A 857 -36.89 7.07 -8.28
C THR A 857 -36.95 6.19 -7.03
N VAL A 858 -35.81 6.06 -6.36
CA VAL A 858 -35.76 5.26 -5.15
C VAL A 858 -35.31 6.15 -4.00
N GLY A 859 -36.02 6.06 -2.87
CA GLY A 859 -35.65 6.86 -1.71
C GLY A 859 -34.79 5.99 -0.81
N VAL A 860 -33.58 6.44 -0.50
CA VAL A 860 -32.67 5.66 0.33
C VAL A 860 -32.18 6.40 1.55
N ASP A 861 -31.77 5.64 2.56
CA ASP A 861 -31.25 6.16 3.81
C ASP A 861 -30.35 5.07 4.37
N GLY A 862 -29.57 5.39 5.39
CA GLY A 862 -28.68 4.40 5.96
C GLY A 862 -27.29 4.97 6.10
N THR A 863 -26.67 4.76 7.25
CA THR A 863 -25.33 5.26 7.52
C THR A 863 -24.25 4.74 6.58
N LEU A 864 -24.41 3.54 6.03
CA LEU A 864 -23.39 3.01 5.13
C LEU A 864 -23.51 3.66 3.76
N TYR A 865 -24.72 3.71 3.23
CA TYR A 865 -24.96 4.31 1.92
C TYR A 865 -24.58 5.79 1.95
N LYS A 866 -24.94 6.46 3.03
CA LYS A 866 -24.68 7.87 3.22
C LYS A 866 -23.23 8.21 3.50
N LEU A 867 -22.64 7.57 4.51
CA LEU A 867 -21.25 7.85 4.89
C LEU A 867 -20.16 7.28 4.00
N HIS A 868 -20.41 6.13 3.38
CA HIS A 868 -19.39 5.48 2.57
C HIS A 868 -19.03 6.19 1.26
N PRO A 869 -17.72 6.34 0.99
CA PRO A 869 -17.17 6.98 -0.21
C PRO A 869 -17.58 6.40 -1.55
N HIS A 870 -17.68 5.07 -1.64
CA HIS A 870 -18.00 4.44 -2.92
C HIS A 870 -19.23 3.53 -3.00
N PHE A 871 -19.87 3.24 -1.87
CA PHE A 871 -21.01 2.34 -1.93
C PHE A 871 -22.11 2.78 -2.89
N SER A 872 -22.72 3.93 -2.64
CA SER A 872 -23.80 4.43 -3.48
C SER A 872 -23.46 4.48 -4.97
N ARG A 873 -22.23 4.86 -5.30
CA ARG A 873 -21.80 4.95 -6.70
C ARG A 873 -21.78 3.59 -7.39
N ILE A 874 -21.00 2.67 -6.86
CA ILE A 874 -20.90 1.32 -7.42
C ILE A 874 -22.29 0.70 -7.46
N MET A 875 -23.08 0.99 -6.43
CA MET A 875 -24.44 0.46 -6.35
C MET A 875 -25.18 0.92 -7.58
N HIS A 876 -25.15 2.22 -7.82
CA HIS A 876 -25.85 2.79 -8.97
C HIS A 876 -25.35 2.21 -10.28
N GLN A 877 -24.03 2.25 -10.48
CA GLN A 877 -23.47 1.71 -11.71
C GLN A 877 -24.07 0.32 -11.95
N THR A 878 -24.10 -0.49 -10.90
CA THR A 878 -24.61 -1.84 -11.01
C THR A 878 -26.08 -1.98 -11.39
N VAL A 879 -26.96 -1.19 -10.79
CA VAL A 879 -28.39 -1.31 -11.13
C VAL A 879 -28.58 -0.99 -12.61
N LYS A 880 -27.71 -0.12 -13.14
CA LYS A 880 -27.75 0.27 -14.54
C LYS A 880 -27.46 -0.90 -15.48
N GLU A 881 -26.35 -1.59 -15.21
CA GLU A 881 -25.93 -2.73 -16.03
C GLU A 881 -26.95 -3.87 -16.07
N LEU A 882 -27.47 -4.23 -14.90
CA LEU A 882 -28.42 -5.34 -14.79
C LEU A 882 -29.86 -5.01 -15.15
N SER A 883 -30.20 -3.73 -15.13
CA SER A 883 -31.56 -3.34 -15.47
C SER A 883 -31.53 -2.11 -16.38
N PRO A 884 -31.25 -2.33 -17.67
CA PRO A 884 -31.18 -1.24 -18.65
C PRO A 884 -32.53 -0.75 -19.17
N LYS A 885 -33.57 -1.53 -18.98
CA LYS A 885 -34.89 -1.12 -19.43
C LYS A 885 -35.50 -0.18 -18.40
N CYS A 886 -34.73 0.08 -17.34
CA CYS A 886 -35.19 0.95 -16.25
C CYS A 886 -34.25 2.12 -16.03
N ASN A 887 -34.84 3.29 -15.85
CA ASN A 887 -34.08 4.51 -15.58
C ASN A 887 -34.40 4.85 -14.14
N VAL A 888 -33.61 4.29 -13.22
CA VAL A 888 -33.84 4.50 -11.80
C VAL A 888 -32.98 5.62 -11.22
N SER A 889 -33.59 6.43 -10.36
CA SER A 889 -32.90 7.54 -9.72
C SER A 889 -32.90 7.36 -8.21
N PHE A 890 -31.75 7.58 -7.59
CA PHE A 890 -31.60 7.42 -6.16
C PHE A 890 -31.51 8.75 -5.43
N LEU A 891 -32.41 8.95 -4.48
CA LEU A 891 -32.42 10.18 -3.69
C LEU A 891 -32.28 9.88 -2.21
N LEU A 892 -31.32 10.51 -1.56
CA LEU A 892 -31.16 10.28 -0.13
C LEU A 892 -32.37 10.92 0.54
N SER A 893 -33.20 10.09 1.16
CA SER A 893 -34.38 10.58 1.85
C SER A 893 -34.20 10.24 3.31
N GLU A 894 -34.24 11.26 4.16
CA GLU A 894 -34.05 11.04 5.58
C GLU A 894 -35.28 11.19 6.44
N ASP A 895 -35.17 10.69 7.66
CA ASP A 895 -36.25 10.71 8.65
C ASP A 895 -37.51 10.02 8.19
N GLY A 896 -37.36 8.81 7.66
CA GLY A 896 -38.53 8.08 7.20
C GLY A 896 -39.30 7.56 8.40
N SER A 897 -38.66 7.60 9.57
CA SER A 897 -39.28 7.12 10.80
C SER A 897 -40.19 8.16 11.46
N GLY A 898 -39.88 9.43 11.26
CA GLY A 898 -40.72 10.50 11.81
C GLY A 898 -41.56 11.07 10.70
N LYS A 899 -40.97 11.96 9.90
CA LYS A 899 -41.65 12.58 8.77
C LYS A 899 -42.43 11.54 7.95
N GLY A 900 -41.81 10.39 7.71
CA GLY A 900 -42.47 9.35 6.95
C GLY A 900 -43.72 8.79 7.62
N ALA A 901 -43.61 8.47 8.91
CA ALA A 901 -44.74 7.93 9.66
C ALA A 901 -45.90 8.93 9.64
N ALA A 902 -45.58 10.22 9.65
CA ALA A 902 -46.60 11.26 9.61
C ALA A 902 -47.26 11.28 8.23
N LEU A 903 -46.45 11.20 7.19
CA LEU A 903 -46.99 11.21 5.83
C LEU A 903 -47.87 10.00 5.59
N ILE A 904 -47.52 8.88 6.22
CA ILE A 904 -48.31 7.67 6.06
C ILE A 904 -49.66 7.90 6.75
N THR A 905 -49.62 8.62 7.87
CA THR A 905 -50.83 8.94 8.65
C THR A 905 -51.75 9.90 7.89
N ALA A 906 -51.16 10.92 7.30
CA ALA A 906 -51.91 11.91 6.54
C ALA A 906 -52.63 11.25 5.38
N VAL A 907 -51.93 10.36 4.69
CA VAL A 907 -52.51 9.64 3.57
C VAL A 907 -53.55 8.69 4.11
N GLY A 908 -53.30 8.22 5.33
CA GLY A 908 -54.21 7.29 5.97
C GLY A 908 -55.58 7.88 6.23
N VAL A 909 -55.63 8.99 6.96
CA VAL A 909 -56.90 9.63 7.25
C VAL A 909 -57.57 10.06 5.95
N ARG A 910 -56.76 10.55 5.00
CA ARG A 910 -57.27 11.01 3.72
C ARG A 910 -58.01 9.92 2.97
N LEU A 911 -57.60 8.68 3.13
CA LEU A 911 -58.24 7.58 2.43
C LEU A 911 -59.47 6.98 3.09
N ARG A 912 -59.70 7.27 4.37
CA ARG A 912 -60.89 6.73 5.02
C ARG A 912 -62.07 7.63 4.68
N THR A 913 -61.80 8.57 3.79
CA THR A 913 -62.81 9.52 3.32
C THR A 913 -63.34 9.05 1.96
N GLU A 914 -62.44 8.56 1.12
CA GLU A 914 -62.80 8.07 -0.20
C GLU A 914 -63.69 6.83 -0.07
#